data_7EO4
#
_entry.id   7EO4
#
loop_
_entity.id
_entity.type
_entity.pdbx_description
1 polymer 'Sphingosine 1-phosphate receptor 1'
2 polymer 'Guanine nucleotide-binding protein G(i) subunit alpha-1'
3 polymer 'Guanine nucleotide-binding protein G(I)/G(S)/G(T) subunit beta-1'
4 polymer 'Guanine nucleotide-binding protein G(I)/G(S)/G(O) subunit gamma-2'
5 polymer scFv16
6 non-polymer '1-[[4-[(~{E})-~{N}-[[4-cyclohexyl-3-(trifluoromethyl)phenyl]methoxy]-~{C}-methyl-carbonimidoyl]-2-ethyl-phenyl]methyl]azetidine-3-carboxylic acid'
#
loop_
_entity_poly.entity_id
_entity_poly.type
_entity_poly.pdbx_seq_one_letter_code
_entity_poly.pdbx_strand_id
1 'polypeptide(L)'
;MGPTSVPLVKAHRSSVSDYVNYDIIVRHYNYTGKLNISADKENSIKLTSVVFILICCFIILENIFVLLTIWKTKKFHRPM
YYFIGNLALSDLLAGVAYTANLLLSGATTYKLTPAQWFLREGSMFVALSASVWSLLAIAIERYITMLKMKLHNGSNNFRL
FLLISACWVISLILGGLPIMGWNCISALSSCSTVLPLYHKHYILFCTTVFTLLLLSIVILYCRIYSLVRTRSRRLTFRKN
ISKASRSSEKSLALLKTVIIVLSVFIACWAPLFILLLLDVGCKVKTCDILFRAEYFLVLAVLNSGTNPIIYTLTNKEMRR
AFIRIMSCCKCPSGDSAGKFKRPIIAGMEFSRSKSDNSSHPQKDEGDNPETIMSSGNVNSSS
;
A
2 'polypeptide(L)'
;MGCTLSAEDKAAVERSKMIDRNLREDGEKAAREVKLLLLGAGESGKSTIVKQMKIIHEAGYSEEECKQYKAVVYSNTIQS
IIAIIRAMGRLKIDFGDSARADDARQLFVLAGAAEEGFMTAELAGVIKRLWKDSGVQACFNRSREYQLNDSAAYYLNDLD
RIAQPNYIPTQQDVLRTRVKTTGIVETHFTFKDLHFKMFDVGAQRSERKKWIHCFEGVTAIIFCVALSDYDLVLAEDEEM
NRMHESMKLFDSICNNKWFTDTSIILFLNKKDLFEEKIKKSPLTICYPEYAGSNTYEEAAAYIQCQFEDLNKRKDTKEIY
THFTCSTDTKNVQFVFDAVTDVIIKNNLKDCGLF
;
B
3 'polypeptide(L)'
;MGSLLQSELDQLRQEAEQLKNQIRDARKACADATLSQITNNIDPVGRIQMRTRRTLRGHLAKIYAMHWGTDSRLLVSASQ
DGKLIIWDSYTTNKVHAIPLRSSWVMTCAYAPSGNYVACGGLDNICSIYNLKTREGNVRVSRELAGHTGYLSCCRFLDDN
QIVTSSGDTTCALWDIETGQQTTTFTGHTGDVMSLSLAPDTRLFVSGACDASAKLWDVREGMCRQTFTGHESDINAICFF
PNGNAFATGSDDATCRLFDLRADQELMTYSHDNIICGITSVSFSKSGRLLLAGYDDFNCNVWDALKADRAGVLAGHDNRV
SCLGVTDDGMAVATGSWDSFLKIWN
;
C
4 'polypeptide(L)' MASNNTASIAQARKLVEQLKMEANIDRIKVSKAAADLMAYCEAHAKEDPLLTPVPASENPFREKKFFCAIL D
5 'polypeptide(L)'
;VQLVESGGGLVQPGGSRKLSCSASGFAFSSFGMHWVRQAPEKGLEWVAYISSGSGTIYYADTVKGRFTISRDDPKNTLFL
QMTSLRSEDTAMYYCVRSIYYYGSSPFDFWGQGTTLTVSAGGGGSGGGGSGGGGSSDIVMTQATSSVPVTPGESVSISCR
SSKSLLHSNGNTYLYWFLQRPGQSPQLLIYRMSNLASGVPDRFSGSGSGTAFTLTISRLEAEDVGVYYCMQHLEYPLTFG
AGTKLEL
;
E
#
loop_
_chem_comp.id
_chem_comp.type
_chem_comp.name
_chem_comp.formula
J8C non-polymer '1-[[4-[(~{E})-~{N}-[[4-cyclohexyl-3-(trifluoromethyl)phenyl]methoxy]-~{C}-methyl-carbonimidoyl]-2-ethyl-phenyl]methyl]azetidine-3-carboxylic acid' 'C29 H35 F3 N2 O3'
#
# COMPACT_ATOMS: atom_id res chain seq x y z
N SER A 17 21.65 -53.16 -14.28
CA SER A 17 23.09 -53.40 -14.37
C SER A 17 23.86 -52.42 -13.50
N ASP A 18 25.06 -52.08 -13.93
CA ASP A 18 25.88 -51.08 -13.25
C ASP A 18 25.66 -49.68 -13.79
N TYR A 19 24.85 -49.53 -14.83
CA TYR A 19 24.60 -48.26 -15.51
C TYR A 19 25.83 -47.71 -16.21
N VAL A 20 26.92 -48.48 -16.25
CA VAL A 20 28.14 -48.06 -16.91
C VAL A 20 28.67 -49.07 -17.92
N ASN A 21 28.06 -50.26 -18.02
CA ASN A 21 28.45 -51.24 -19.02
C ASN A 21 28.15 -50.73 -20.43
N TYR A 22 29.07 -51.02 -21.36
CA TYR A 22 28.97 -50.53 -22.73
C TYR A 22 28.28 -51.50 -23.69
N ASP A 23 27.93 -52.71 -23.25
CA ASP A 23 27.30 -53.66 -24.15
C ASP A 23 25.83 -53.35 -24.40
N ILE A 24 25.20 -52.56 -23.54
CA ILE A 24 23.78 -52.25 -23.68
C ILE A 24 23.54 -51.49 -24.98
N ILE A 25 24.39 -50.50 -25.26
CA ILE A 25 24.24 -49.70 -26.48
C ILE A 25 24.36 -50.57 -27.71
N VAL A 26 25.40 -51.40 -27.77
CA VAL A 26 25.63 -52.24 -28.93
C VAL A 26 24.49 -53.22 -29.12
N ARG A 27 24.07 -53.87 -28.03
CA ARG A 27 23.00 -54.86 -28.13
C ARG A 27 21.69 -54.23 -28.61
N HIS A 28 21.35 -53.05 -28.08
CA HIS A 28 20.07 -52.47 -28.43
C HIS A 28 20.06 -51.89 -29.84
N TYR A 29 21.16 -51.24 -30.25
CA TYR A 29 21.23 -50.82 -31.66
C TYR A 29 21.27 -52.01 -32.61
N ASN A 30 21.85 -53.14 -32.16
CA ASN A 30 21.82 -54.34 -33.00
C ASN A 30 20.40 -54.85 -33.15
N TYR A 31 19.65 -54.93 -32.05
CA TYR A 31 18.31 -55.49 -32.14
C TYR A 31 17.44 -54.52 -32.95
N THR A 32 17.71 -53.23 -32.85
CA THR A 32 16.89 -52.26 -33.59
C THR A 32 17.11 -52.39 -35.09
N GLY A 33 18.35 -52.22 -35.54
CA GLY A 33 18.65 -52.18 -36.96
C GLY A 33 19.33 -50.90 -37.39
N LYS A 34 20.03 -50.24 -36.47
CA LYS A 34 20.66 -48.97 -36.74
C LYS A 34 22.16 -48.98 -36.49
N LEU A 35 22.74 -50.11 -36.10
CA LEU A 35 24.16 -50.16 -35.78
C LEU A 35 25.01 -49.86 -37.01
N ASN A 36 24.66 -50.43 -38.15
CA ASN A 36 25.34 -50.14 -39.40
C ASN A 36 24.63 -49.06 -40.20
N ILE A 37 23.52 -48.53 -39.70
CA ILE A 37 22.77 -47.49 -40.40
C ILE A 37 23.34 -46.11 -40.05
N LYS A 46 25.12 -33.87 -42.68
CA LYS A 46 25.40 -32.91 -41.63
C LYS A 46 24.89 -31.52 -42.00
N LEU A 47 24.47 -31.35 -43.26
CA LEU A 47 23.87 -30.08 -43.66
C LEU A 47 22.57 -29.83 -42.90
N THR A 48 21.82 -30.90 -42.65
CA THR A 48 20.65 -30.81 -41.78
C THR A 48 21.02 -30.18 -40.45
N SER A 49 22.17 -30.57 -39.90
CA SER A 49 22.60 -30.03 -38.62
C SER A 49 22.81 -28.52 -38.70
N VAL A 50 23.43 -28.05 -39.79
CA VAL A 50 23.66 -26.62 -39.95
C VAL A 50 22.33 -25.87 -40.03
N VAL A 51 21.40 -26.38 -40.83
CA VAL A 51 20.10 -25.73 -40.96
C VAL A 51 19.36 -25.67 -39.63
N PHE A 52 19.44 -26.76 -38.86
CA PHE A 52 18.74 -26.82 -37.58
C PHE A 52 19.39 -25.89 -36.57
N ILE A 53 20.72 -25.77 -36.62
CA ILE A 53 21.42 -24.86 -35.71
C ILE A 53 21.03 -23.41 -35.99
N LEU A 54 20.94 -23.02 -37.26
CA LEU A 54 20.46 -21.68 -37.57
C LEU A 54 19.04 -21.46 -37.06
N ILE A 55 18.18 -22.48 -37.21
CA ILE A 55 16.82 -22.38 -36.67
C ILE A 55 16.85 -22.12 -35.16
N CYS A 56 17.69 -22.87 -34.45
CA CYS A 56 17.78 -22.71 -33.00
C CYS A 56 18.30 -21.33 -32.62
N CYS A 57 19.24 -20.80 -33.40
CA CYS A 57 19.72 -19.43 -33.15
C CYS A 57 18.58 -18.43 -33.27
N PHE A 58 17.78 -18.56 -34.33
CA PHE A 58 16.62 -17.69 -34.50
C PHE A 58 15.68 -17.78 -33.30
N ILE A 59 15.43 -19.01 -32.83
CA ILE A 59 14.53 -19.23 -31.70
C ILE A 59 15.05 -18.52 -30.45
N ILE A 60 16.34 -18.68 -30.18
CA ILE A 60 16.94 -18.07 -29.00
C ILE A 60 16.80 -16.56 -29.05
N LEU A 61 17.08 -15.98 -30.23
CA LEU A 61 16.96 -14.53 -30.38
C LEU A 61 15.53 -14.07 -30.10
N GLU A 62 14.55 -14.75 -30.68
CA GLU A 62 13.16 -14.36 -30.48
C GLU A 62 12.80 -14.32 -29.00
N ASN A 63 13.13 -15.40 -28.29
CA ASN A 63 12.65 -15.51 -26.91
C ASN A 63 13.37 -14.54 -25.99
N ILE A 64 14.67 -14.35 -26.20
CA ILE A 64 15.38 -13.33 -25.42
C ILE A 64 14.78 -11.95 -25.66
N PHE A 65 14.44 -11.64 -26.92
CA PHE A 65 13.87 -10.33 -27.19
C PHE A 65 12.56 -10.12 -26.47
N VAL A 66 11.69 -11.14 -26.45
CA VAL A 66 10.41 -11.01 -25.78
C VAL A 66 10.60 -10.76 -24.28
N LEU A 67 11.47 -11.55 -23.65
CA LEU A 67 11.73 -11.35 -22.22
C LEU A 67 12.25 -9.94 -21.96
N LEU A 68 13.22 -9.50 -22.76
CA LEU A 68 13.88 -8.23 -22.53
C LEU A 68 12.89 -7.08 -22.68
N THR A 69 11.93 -7.20 -23.59
CA THR A 69 10.94 -6.14 -23.72
C THR A 69 9.96 -6.13 -22.56
N ILE A 70 9.48 -7.30 -22.13
CA ILE A 70 8.53 -7.29 -21.01
C ILE A 70 9.18 -6.72 -19.75
N TRP A 71 10.46 -7.02 -19.52
CA TRP A 71 11.08 -6.58 -18.28
C TRP A 71 11.08 -5.06 -18.14
N LYS A 72 11.41 -4.33 -19.21
CA LYS A 72 11.73 -2.91 -19.10
C LYS A 72 10.53 -2.00 -19.41
N THR A 73 9.31 -2.49 -19.25
CA THR A 73 8.11 -1.66 -19.44
C THR A 73 7.20 -1.84 -18.22
N LYS A 74 7.19 -0.84 -17.34
CA LYS A 74 6.52 -0.93 -16.06
C LYS A 74 5.03 -1.16 -16.19
N LYS A 75 4.44 -0.77 -17.32
CA LYS A 75 3.01 -0.99 -17.54
C LYS A 75 2.71 -2.46 -17.74
N PHE A 76 3.73 -3.30 -17.86
CA PHE A 76 3.59 -4.71 -18.18
C PHE A 76 3.77 -5.61 -16.97
N HIS A 77 3.98 -5.05 -15.78
CA HIS A 77 4.19 -5.88 -14.58
C HIS A 77 2.85 -6.28 -13.97
N ARG A 78 2.19 -7.19 -14.67
CA ARG A 78 0.88 -7.73 -14.32
C ARG A 78 0.89 -9.22 -14.66
N PRO A 79 -0.04 -10.00 -14.10
CA PRO A 79 0.01 -11.46 -14.29
C PRO A 79 0.04 -11.94 -15.73
N MET A 80 -0.66 -11.28 -16.65
CA MET A 80 -0.66 -11.69 -18.05
C MET A 80 0.74 -11.74 -18.63
N TYR A 81 1.48 -10.66 -18.49
CA TYR A 81 2.81 -10.63 -19.06
C TYR A 81 3.76 -11.57 -18.32
N TYR A 82 3.45 -11.90 -17.07
CA TYR A 82 4.19 -12.93 -16.37
C TYR A 82 4.00 -14.30 -17.03
N PHE A 83 2.76 -14.64 -17.39
CA PHE A 83 2.53 -15.90 -18.09
C PHE A 83 3.20 -15.91 -19.47
N ILE A 84 3.15 -14.77 -20.16
CA ILE A 84 3.83 -14.65 -21.45
C ILE A 84 5.33 -14.89 -21.29
N GLY A 85 5.92 -14.32 -20.25
CA GLY A 85 7.34 -14.54 -19.99
C GLY A 85 7.65 -15.97 -19.65
N ASN A 86 6.75 -16.66 -18.95
CA ASN A 86 6.94 -18.08 -18.69
C ASN A 86 7.01 -18.86 -19.99
N LEU A 87 6.09 -18.59 -20.92
CA LEU A 87 6.14 -19.29 -22.21
C LEU A 87 7.43 -18.99 -22.96
N ALA A 88 7.89 -17.73 -22.90
CA ALA A 88 9.16 -17.39 -23.53
C ALA A 88 10.32 -18.19 -22.93
N LEU A 89 10.35 -18.32 -21.61
CA LEU A 89 11.42 -19.08 -20.96
C LEU A 89 11.37 -20.55 -21.35
N SER A 90 10.17 -21.13 -21.41
CA SER A 90 10.07 -22.53 -21.80
C SER A 90 10.56 -22.77 -23.22
N ASP A 91 10.23 -21.84 -24.13
CA ASP A 91 10.78 -21.94 -25.48
C ASP A 91 12.30 -21.88 -25.47
N LEU A 92 12.84 -20.97 -24.65
CA LEU A 92 14.30 -20.84 -24.55
C LEU A 92 14.93 -22.15 -24.12
N LEU A 93 14.33 -22.82 -23.13
CA LEU A 93 14.88 -24.10 -22.70
C LEU A 93 14.77 -25.16 -23.79
N ALA A 94 13.66 -25.19 -24.51
CA ALA A 94 13.51 -26.19 -25.57
C ALA A 94 14.60 -26.07 -26.63
N GLY A 95 14.95 -24.84 -27.02
CA GLY A 95 15.95 -24.69 -28.05
C GLY A 95 17.31 -25.31 -27.74
N VAL A 96 17.83 -25.00 -26.55
CA VAL A 96 19.16 -25.45 -26.18
C VAL A 96 19.19 -26.96 -26.01
N ALA A 97 18.12 -27.53 -25.46
CA ALA A 97 18.03 -28.98 -25.34
C ALA A 97 18.04 -29.64 -26.70
N TYR A 98 17.33 -29.06 -27.67
CA TYR A 98 17.37 -29.62 -29.01
C TYR A 98 18.78 -29.62 -29.56
N THR A 99 19.49 -28.50 -29.42
CA THR A 99 20.85 -28.42 -29.93
C THR A 99 21.76 -29.45 -29.26
N ALA A 100 21.64 -29.59 -27.94
CA ALA A 100 22.47 -30.54 -27.21
C ALA A 100 22.19 -31.97 -27.66
N ASN A 101 20.93 -32.29 -27.96
CA ASN A 101 20.64 -33.63 -28.46
C ASN A 101 21.19 -33.81 -29.86
N LEU A 102 21.16 -32.76 -30.68
CA LEU A 102 21.73 -32.86 -32.02
C LEU A 102 23.22 -33.17 -31.98
N LEU A 103 23.95 -32.51 -31.07
CA LEU A 103 25.40 -32.77 -31.02
C LEU A 103 25.74 -34.05 -30.26
N LEU A 104 25.28 -34.19 -29.03
CA LEU A 104 25.75 -35.28 -28.18
C LEU A 104 25.30 -36.66 -28.66
N SER A 105 24.38 -36.72 -29.62
CA SER A 105 23.93 -38.01 -30.14
C SER A 105 24.62 -38.32 -31.47
N GLY A 106 24.27 -39.47 -32.04
CA GLY A 106 24.85 -39.85 -33.33
C GLY A 106 25.99 -40.84 -33.16
N ALA A 107 27.12 -40.51 -33.80
CA ALA A 107 28.30 -41.38 -33.70
C ALA A 107 28.89 -41.34 -32.30
N THR A 108 28.62 -40.26 -31.55
CA THR A 108 29.12 -40.15 -30.19
C THR A 108 28.39 -41.09 -29.24
N THR A 109 27.30 -41.72 -29.69
CA THR A 109 26.50 -42.56 -28.80
C THR A 109 27.23 -43.85 -28.43
N TYR A 110 27.84 -44.52 -29.41
CA TYR A 110 28.51 -45.79 -29.14
C TYR A 110 29.55 -45.66 -28.05
N LYS A 111 30.29 -44.55 -28.03
CA LYS A 111 31.30 -44.30 -27.02
C LYS A 111 30.74 -43.56 -25.81
N LEU A 112 29.46 -43.76 -25.51
CA LEU A 112 28.78 -43.04 -24.44
C LEU A 112 28.03 -44.01 -23.53
N THR A 113 28.01 -43.68 -22.25
CA THR A 113 27.37 -44.53 -21.27
C THR A 113 25.85 -44.45 -21.40
N PRO A 114 25.12 -45.46 -20.93
CA PRO A 114 23.65 -45.35 -20.88
C PRO A 114 23.16 -44.20 -20.02
N ALA A 115 23.97 -43.74 -19.07
CA ALA A 115 23.58 -42.62 -18.23
C ALA A 115 23.33 -41.37 -19.05
N GLN A 116 24.29 -41.00 -19.90
CA GLN A 116 24.10 -39.84 -20.76
C GLN A 116 22.97 -40.07 -21.75
N TRP A 117 22.72 -41.32 -22.12
CA TRP A 117 21.60 -41.64 -23.01
C TRP A 117 20.26 -41.27 -22.35
N PHE A 118 20.04 -41.75 -21.13
CA PHE A 118 18.85 -41.38 -20.40
C PHE A 118 18.79 -39.88 -20.16
N LEU A 119 19.95 -39.26 -19.91
CA LEU A 119 20.02 -37.82 -19.75
C LEU A 119 19.51 -37.10 -20.99
N ARG A 120 19.98 -37.51 -22.16
CA ARG A 120 19.57 -36.88 -23.42
C ARG A 120 18.06 -37.00 -23.59
N GLU A 121 17.53 -38.20 -23.36
CA GLU A 121 16.09 -38.41 -23.57
C GLU A 121 15.25 -37.56 -22.63
N GLY A 122 15.61 -37.53 -21.35
CA GLY A 122 14.85 -36.71 -20.41
C GLY A 122 14.96 -35.23 -20.71
N SER A 123 16.16 -34.78 -21.09
CA SER A 123 16.37 -33.38 -21.42
C SER A 123 15.52 -32.97 -22.60
N MET A 124 15.37 -33.85 -23.59
CA MET A 124 14.47 -33.52 -24.69
C MET A 124 13.01 -33.54 -24.27
N PHE A 125 12.56 -34.51 -23.47
CA PHE A 125 11.13 -34.56 -23.18
C PHE A 125 10.66 -33.41 -22.29
N VAL A 126 11.47 -33.00 -21.33
CA VAL A 126 10.96 -32.09 -20.30
C VAL A 126 10.62 -30.73 -20.88
N ALA A 127 11.41 -30.23 -21.84
CA ALA A 127 11.18 -28.88 -22.36
C ALA A 127 9.93 -28.81 -23.21
N LEU A 128 9.71 -29.83 -24.05
CA LEU A 128 8.48 -29.87 -24.82
C LEU A 128 7.27 -29.96 -23.91
N SER A 129 7.37 -30.77 -22.84
CA SER A 129 6.27 -30.83 -21.88
C SER A 129 6.00 -29.46 -21.28
N ALA A 130 7.06 -28.73 -20.92
CA ALA A 130 6.90 -27.43 -20.29
C ALA A 130 6.21 -26.44 -21.23
N SER A 131 6.59 -26.47 -22.51
CA SER A 131 5.95 -25.56 -23.46
C SER A 131 4.46 -25.83 -23.59
N VAL A 132 4.11 -27.10 -23.77
CA VAL A 132 2.69 -27.40 -23.95
C VAL A 132 1.90 -27.08 -22.69
N TRP A 133 2.52 -27.16 -21.52
CA TRP A 133 1.79 -26.82 -20.30
C TRP A 133 1.65 -25.31 -20.12
N SER A 134 2.67 -24.54 -20.51
CA SER A 134 2.60 -23.09 -20.37
C SER A 134 1.51 -22.50 -21.28
N LEU A 135 1.35 -23.08 -22.48
CA LEU A 135 0.23 -22.69 -23.32
C LEU A 135 -1.10 -22.82 -22.59
N LEU A 136 -1.32 -23.96 -21.94
CA LEU A 136 -2.57 -24.18 -21.23
C LEU A 136 -2.73 -23.22 -20.06
N ALA A 137 -1.63 -22.84 -19.41
CA ALA A 137 -1.72 -21.85 -18.34
C ALA A 137 -2.27 -20.52 -18.85
N ILE A 138 -1.70 -20.03 -19.96
CA ILE A 138 -2.18 -18.76 -20.53
C ILE A 138 -3.63 -18.88 -20.97
N ALA A 139 -4.00 -20.01 -21.58
CA ALA A 139 -5.37 -20.17 -22.05
C ALA A 139 -6.36 -20.23 -20.89
N ILE A 140 -5.95 -20.82 -19.77
CA ILE A 140 -6.85 -20.92 -18.61
C ILE A 140 -7.07 -19.55 -17.98
N GLU A 141 -6.00 -18.74 -17.88
CA GLU A 141 -6.17 -17.46 -17.18
C GLU A 141 -7.09 -16.52 -17.96
N ARG A 142 -6.97 -16.49 -19.29
CA ARG A 142 -7.82 -15.63 -20.11
C ARG A 142 -9.28 -15.94 -19.90
N TYR A 143 -9.63 -17.22 -19.81
CA TYR A 143 -11.02 -17.59 -19.67
C TYR A 143 -11.61 -17.06 -18.37
N ILE A 144 -10.83 -17.12 -17.30
CA ILE A 144 -11.28 -16.58 -16.03
C ILE A 144 -11.47 -15.06 -16.12
N THR A 145 -10.53 -14.37 -16.76
CA THR A 145 -10.66 -12.91 -16.86
C THR A 145 -11.93 -12.50 -17.61
N MET A 146 -12.43 -13.31 -18.54
CA MET A 146 -13.70 -13.02 -19.18
C MET A 146 -14.90 -13.15 -18.25
N LEU A 147 -14.68 -13.52 -16.98
CA LEU A 147 -15.73 -13.27 -16.00
C LEU A 147 -15.82 -11.77 -15.74
N LYS A 148 -16.94 -11.17 -16.12
CA LYS A 148 -17.01 -9.71 -16.26
C LYS A 148 -16.86 -9.04 -14.91
N MET A 149 -16.04 -7.99 -14.86
CA MET A 149 -15.70 -7.33 -13.61
C MET A 149 -15.09 -5.98 -13.94
N LYS A 150 -15.04 -5.11 -12.94
CA LYS A 150 -14.45 -3.78 -13.05
C LYS A 150 -15.23 -2.87 -14.01
N ASN A 157 -2.76 -13.56 -6.48
CA ASN A 157 -1.38 -13.92 -6.18
C ASN A 157 -1.26 -15.38 -5.78
N PHE A 158 -2.37 -16.10 -5.85
CA PHE A 158 -2.40 -17.52 -5.49
C PHE A 158 -2.40 -18.42 -6.72
N ARG A 159 -3.41 -18.24 -7.59
CA ARG A 159 -3.50 -19.05 -8.80
C ARG A 159 -2.24 -18.95 -9.63
N LEU A 160 -1.59 -17.78 -9.63
CA LEU A 160 -0.39 -17.56 -10.42
C LEU A 160 0.70 -18.57 -10.06
N PHE A 161 1.18 -18.51 -8.81
CA PHE A 161 2.23 -19.41 -8.37
C PHE A 161 1.78 -20.86 -8.41
N LEU A 162 0.53 -21.12 -8.02
CA LEU A 162 0.03 -22.49 -8.05
C LEU A 162 0.15 -23.08 -9.45
N LEU A 163 -0.31 -22.35 -10.47
CA LEU A 163 -0.30 -22.87 -11.83
C LEU A 163 1.12 -23.03 -12.37
N ILE A 164 1.96 -22.00 -12.18
CA ILE A 164 3.32 -22.08 -12.73
C ILE A 164 4.10 -23.23 -12.09
N SER A 165 3.98 -23.37 -10.76
CA SER A 165 4.66 -24.47 -10.08
C SER A 165 4.11 -25.82 -10.51
N ALA A 166 2.79 -25.92 -10.67
CA ALA A 166 2.21 -27.16 -11.16
C ALA A 166 2.84 -27.55 -12.49
N CYS A 167 2.89 -26.61 -13.43
CA CYS A 167 3.50 -26.87 -14.74
C CYS A 167 4.91 -27.43 -14.58
N TRP A 168 5.78 -26.66 -13.95
CA TRP A 168 7.20 -27.04 -13.92
C TRP A 168 7.41 -28.36 -13.18
N VAL A 169 6.74 -28.53 -12.04
CA VAL A 169 6.96 -29.72 -11.22
C VAL A 169 6.46 -30.97 -11.93
N ILE A 170 5.27 -30.92 -12.52
CA ILE A 170 4.76 -32.11 -13.20
C ILE A 170 5.61 -32.43 -14.41
N SER A 171 6.14 -31.41 -15.09
CA SER A 171 7.05 -31.69 -16.20
C SER A 171 8.30 -32.41 -15.71
N LEU A 172 8.92 -31.92 -14.64
CA LEU A 172 10.12 -32.55 -14.12
C LEU A 172 9.84 -34.00 -13.68
N ILE A 173 8.70 -34.23 -13.03
CA ILE A 173 8.38 -35.55 -12.53
C ILE A 173 8.17 -36.53 -13.68
N LEU A 174 7.34 -36.15 -14.66
CA LEU A 174 7.10 -37.06 -15.79
C LEU A 174 8.33 -37.25 -16.65
N GLY A 175 9.29 -36.31 -16.60
CA GLY A 175 10.47 -36.43 -17.42
C GLY A 175 11.39 -37.59 -17.13
N GLY A 176 11.72 -37.80 -15.86
CA GLY A 176 12.79 -38.68 -15.46
C GLY A 176 12.47 -40.15 -15.30
N LEU A 177 11.24 -40.57 -15.59
CA LEU A 177 10.81 -41.95 -15.43
C LEU A 177 11.64 -43.00 -16.18
N PRO A 178 12.37 -42.64 -17.25
CA PRO A 178 13.30 -43.62 -17.83
C PRO A 178 14.32 -44.19 -16.86
N ILE A 179 14.81 -43.42 -15.89
CA ILE A 179 15.74 -43.98 -14.93
C ILE A 179 15.01 -44.75 -13.85
N MET A 180 13.73 -44.48 -13.64
CA MET A 180 12.98 -45.07 -12.52
C MET A 180 12.33 -46.38 -12.97
N GLY A 181 13.14 -47.30 -13.49
CA GLY A 181 12.72 -48.67 -13.66
C GLY A 181 11.90 -48.99 -14.90
N TRP A 182 11.66 -48.03 -15.78
CA TRP A 182 11.03 -48.31 -17.06
C TRP A 182 12.10 -48.28 -18.15
N ASN A 183 12.35 -49.45 -18.75
CA ASN A 183 13.32 -49.64 -19.81
C ASN A 183 13.23 -51.09 -20.25
N CYS A 184 13.63 -51.35 -21.50
CA CYS A 184 13.64 -52.71 -22.03
C CYS A 184 14.99 -53.39 -21.84
N ILE A 185 15.69 -53.07 -20.75
CA ILE A 185 16.97 -53.72 -20.47
C ILE A 185 16.77 -55.15 -19.99
N SER A 186 15.56 -55.49 -19.53
CA SER A 186 15.29 -56.81 -18.98
C SER A 186 14.45 -57.69 -19.90
N ALA A 187 13.50 -57.11 -20.63
CA ALA A 187 12.66 -57.83 -21.58
C ALA A 187 12.88 -57.21 -22.95
N LEU A 188 13.67 -57.89 -23.78
CA LEU A 188 14.19 -57.28 -25.00
C LEU A 188 13.17 -57.20 -26.12
N SER A 189 12.04 -57.91 -26.01
CA SER A 189 11.06 -57.90 -27.10
C SER A 189 10.12 -56.70 -27.06
N SER A 190 10.27 -55.80 -26.09
CA SER A 190 9.34 -54.68 -25.96
C SER A 190 10.06 -53.34 -26.03
N CYS A 191 10.99 -53.20 -26.96
CA CYS A 191 11.70 -51.95 -27.17
C CYS A 191 10.96 -51.16 -28.26
N SER A 192 11.52 -50.00 -28.60
CA SER A 192 10.89 -49.08 -29.55
C SER A 192 11.84 -48.77 -30.69
N THR A 193 11.28 -48.70 -31.91
CA THR A 193 12.10 -48.54 -33.10
C THR A 193 12.83 -47.20 -33.11
N VAL A 194 12.11 -46.11 -32.80
CA VAL A 194 12.75 -44.80 -32.79
C VAL A 194 13.71 -44.67 -31.62
N LEU A 195 13.31 -45.19 -30.45
CA LEU A 195 14.11 -45.10 -29.23
C LEU A 195 14.35 -46.50 -28.68
N PRO A 196 15.56 -47.02 -28.75
CA PRO A 196 15.77 -48.45 -28.49
C PRO A 196 15.45 -48.90 -27.07
N LEU A 197 15.28 -47.99 -26.12
CA LEU A 197 15.15 -48.39 -24.71
C LEU A 197 13.91 -47.80 -24.05
N TYR A 198 12.80 -47.71 -24.77
CA TYR A 198 11.50 -47.36 -24.19
C TYR A 198 10.49 -48.45 -24.49
N HIS A 199 9.75 -48.86 -23.47
CA HIS A 199 8.57 -49.67 -23.67
C HIS A 199 7.47 -48.84 -24.31
N LYS A 200 6.55 -49.51 -24.99
CA LYS A 200 5.43 -48.81 -25.61
C LYS A 200 4.55 -48.08 -24.60
N HIS A 201 4.62 -48.48 -23.33
CA HIS A 201 3.77 -47.89 -22.31
C HIS A 201 4.06 -46.41 -22.10
N TYR A 202 5.34 -46.05 -22.10
CA TYR A 202 5.75 -44.65 -22.01
C TYR A 202 5.16 -43.85 -23.17
N ILE A 203 5.25 -44.40 -24.37
CA ILE A 203 4.76 -43.72 -25.58
C ILE A 203 3.26 -43.51 -25.48
N LEU A 204 2.53 -44.54 -25.07
CA LEU A 204 1.07 -44.43 -24.93
C LEU A 204 0.71 -43.37 -23.90
N PHE A 205 1.41 -43.37 -22.77
CA PHE A 205 1.15 -42.38 -21.71
C PHE A 205 1.29 -40.96 -22.24
N CYS A 206 2.41 -40.69 -22.92
CA CYS A 206 2.63 -39.37 -23.49
C CYS A 206 1.57 -39.00 -24.53
N THR A 207 1.16 -39.97 -25.36
CA THR A 207 0.11 -39.69 -26.34
C THR A 207 -1.19 -39.28 -25.66
N THR A 208 -1.56 -39.98 -24.58
CA THR A 208 -2.79 -39.62 -23.87
C THR A 208 -2.72 -38.19 -23.34
N VAL A 209 -1.62 -37.84 -22.68
CA VAL A 209 -1.56 -36.50 -22.07
C VAL A 209 -1.58 -35.42 -23.15
N PHE A 210 -0.89 -35.67 -24.27
CA PHE A 210 -0.90 -34.69 -25.35
C PHE A 210 -2.30 -34.48 -25.90
N THR A 211 -3.04 -35.57 -26.12
CA THR A 211 -4.40 -35.43 -26.63
C THR A 211 -5.25 -34.61 -25.66
N LEU A 212 -5.12 -34.92 -24.37
CA LEU A 212 -5.86 -34.18 -23.35
C LEU A 212 -5.61 -32.67 -23.45
N LEU A 213 -4.34 -32.28 -23.44
CA LEU A 213 -4.00 -30.86 -23.42
C LEU A 213 -4.49 -30.16 -24.68
N LEU A 214 -4.29 -30.79 -25.84
CA LEU A 214 -4.73 -30.16 -27.09
C LEU A 214 -6.23 -29.94 -27.08
N LEU A 215 -7.00 -30.95 -26.68
CA LEU A 215 -8.45 -30.79 -26.65
C LEU A 215 -8.86 -29.66 -25.73
N SER A 216 -8.21 -29.58 -24.55
CA SER A 216 -8.58 -28.55 -23.58
C SER A 216 -8.33 -27.15 -24.13
N ILE A 217 -7.20 -26.94 -24.80
CA ILE A 217 -6.91 -25.62 -25.35
C ILE A 217 -7.94 -25.24 -26.41
N VAL A 218 -8.26 -26.17 -27.30
CA VAL A 218 -9.25 -25.87 -28.34
C VAL A 218 -10.57 -25.46 -27.70
N ILE A 219 -11.05 -26.25 -26.73
CA ILE A 219 -12.36 -25.97 -26.17
C ILE A 219 -12.36 -24.65 -25.40
N LEU A 220 -11.26 -24.32 -24.72
CA LEU A 220 -11.22 -23.06 -23.98
C LEU A 220 -11.36 -21.86 -24.91
N TYR A 221 -10.59 -21.84 -26.00
CA TYR A 221 -10.68 -20.66 -26.87
C TYR A 221 -12.03 -20.58 -27.58
N CYS A 222 -12.57 -21.72 -28.02
CA CYS A 222 -13.87 -21.64 -28.68
C CYS A 222 -14.95 -21.17 -27.71
N ARG A 223 -14.84 -21.55 -26.43
CA ARG A 223 -15.79 -21.04 -25.44
C ARG A 223 -15.65 -19.54 -25.24
N ILE A 224 -14.42 -19.01 -25.16
CA ILE A 224 -14.25 -17.57 -25.01
C ILE A 224 -14.95 -16.81 -26.14
N TYR A 225 -14.68 -17.24 -27.37
CA TYR A 225 -15.30 -16.54 -28.50
C TYR A 225 -16.81 -16.65 -28.46
N SER A 226 -17.32 -17.85 -28.12
CA SER A 226 -18.77 -18.02 -28.07
C SER A 226 -19.39 -17.12 -27.02
N LEU A 227 -18.70 -16.94 -25.89
CA LEU A 227 -19.25 -16.09 -24.83
C LEU A 227 -19.36 -14.64 -25.28
N VAL A 228 -18.31 -14.10 -25.88
CA VAL A 228 -18.40 -12.70 -26.31
C VAL A 228 -19.44 -12.56 -27.43
N ARG A 229 -19.46 -13.51 -28.38
CA ARG A 229 -20.39 -13.47 -29.49
C ARG A 229 -21.84 -13.53 -29.02
N THR A 230 -22.11 -14.31 -27.98
CA THR A 230 -23.46 -14.36 -27.43
C THR A 230 -23.82 -13.06 -26.74
N ARG A 231 -22.92 -12.55 -25.88
CA ARG A 231 -23.33 -11.43 -25.05
C ARG A 231 -23.38 -10.10 -25.80
N SER A 232 -22.69 -9.98 -26.94
CA SER A 232 -22.75 -8.71 -27.67
C SER A 232 -23.82 -8.80 -28.74
N ARG A 233 -23.75 -9.79 -29.63
CA ARG A 233 -24.61 -9.86 -30.81
C ARG A 233 -25.92 -10.58 -30.48
N ARG A 234 -26.61 -10.05 -29.47
CA ARG A 234 -27.91 -10.56 -29.08
C ARG A 234 -28.95 -9.44 -29.10
N LEU A 235 -28.52 -8.24 -28.70
CA LEU A 235 -29.36 -7.06 -28.72
C LEU A 235 -28.64 -5.96 -29.46
N THR A 236 -29.37 -5.24 -30.32
CA THR A 236 -28.76 -4.19 -31.11
C THR A 236 -28.45 -2.98 -30.23
N PHE A 237 -27.22 -2.50 -30.32
CA PHE A 237 -26.74 -1.41 -29.46
C PHE A 237 -26.47 -0.19 -30.36
N ARG A 238 -27.20 0.89 -30.09
CA ARG A 238 -27.06 2.13 -30.84
C ARG A 238 -27.32 1.92 -32.32
N SER A 251 -15.59 -4.74 -35.69
CA SER A 251 -15.93 -4.69 -34.27
C SER A 251 -15.27 -5.83 -33.50
N LEU A 252 -15.83 -7.04 -33.60
CA LEU A 252 -15.23 -8.17 -32.91
C LEU A 252 -13.84 -8.41 -33.45
N ALA A 253 -13.75 -8.96 -34.67
CA ALA A 253 -12.48 -9.37 -35.28
C ALA A 253 -11.71 -10.34 -34.38
N LEU A 254 -12.43 -11.07 -33.54
CA LEU A 254 -11.81 -12.02 -32.64
C LEU A 254 -11.52 -13.36 -33.29
N LEU A 255 -12.20 -13.69 -34.39
CA LEU A 255 -11.88 -14.91 -35.11
C LEU A 255 -10.49 -14.86 -35.71
N LYS A 256 -10.04 -13.67 -36.11
CA LYS A 256 -8.78 -13.54 -36.83
C LYS A 256 -7.59 -13.98 -36.00
N THR A 257 -7.70 -13.98 -34.67
CA THR A 257 -6.61 -14.46 -33.83
C THR A 257 -6.79 -15.90 -33.38
N VAL A 258 -8.03 -16.32 -33.10
CA VAL A 258 -8.27 -17.71 -32.74
C VAL A 258 -7.84 -18.64 -33.87
N ILE A 259 -8.19 -18.27 -35.11
CA ILE A 259 -7.78 -19.09 -36.25
C ILE A 259 -6.26 -19.23 -36.30
N ILE A 260 -5.55 -18.11 -36.16
CA ILE A 260 -4.09 -18.16 -36.25
C ILE A 260 -3.50 -19.06 -35.17
N VAL A 261 -3.91 -18.85 -33.92
CA VAL A 261 -3.34 -19.61 -32.81
C VAL A 261 -3.57 -21.10 -33.02
N LEU A 262 -4.83 -21.47 -33.24
CA LEU A 262 -5.19 -22.88 -33.37
C LEU A 262 -4.52 -23.51 -34.59
N SER A 263 -4.48 -22.78 -35.71
CA SER A 263 -3.95 -23.36 -36.94
C SER A 263 -2.46 -23.59 -36.85
N VAL A 264 -1.70 -22.64 -36.32
CA VAL A 264 -0.26 -22.86 -36.19
C VAL A 264 0.02 -24.02 -35.24
N PHE A 265 -0.69 -24.04 -34.11
CA PHE A 265 -0.48 -25.12 -33.15
C PHE A 265 -0.70 -26.48 -33.81
N ILE A 266 -1.85 -26.67 -34.45
CA ILE A 266 -2.15 -27.99 -35.00
C ILE A 266 -1.29 -28.28 -36.23
N ALA A 267 -0.85 -27.24 -36.94
CA ALA A 267 -0.01 -27.45 -38.12
C ALA A 267 1.34 -28.00 -37.74
N CYS A 268 1.95 -27.48 -36.68
CA CYS A 268 3.29 -27.92 -36.32
C CYS A 268 3.32 -29.31 -35.68
N TRP A 269 2.38 -29.63 -34.79
CA TRP A 269 2.56 -30.78 -33.91
C TRP A 269 1.95 -32.06 -34.48
N ALA A 270 1.18 -31.96 -35.55
CA ALA A 270 0.44 -33.14 -36.02
C ALA A 270 1.35 -34.28 -36.49
N PRO A 271 2.34 -34.04 -37.36
CA PRO A 271 3.13 -35.16 -37.88
C PRO A 271 3.84 -35.97 -36.82
N LEU A 272 4.46 -35.32 -35.83
CA LEU A 272 5.18 -36.05 -34.80
C LEU A 272 4.24 -36.91 -33.97
N PHE A 273 3.08 -36.36 -33.62
CA PHE A 273 2.10 -37.12 -32.85
C PHE A 273 1.62 -38.34 -33.63
N ILE A 274 1.28 -38.17 -34.90
CA ILE A 274 0.80 -39.31 -35.67
C ILE A 274 1.92 -40.33 -35.89
N LEU A 275 3.17 -39.88 -36.07
CA LEU A 275 4.28 -40.83 -36.26
C LEU A 275 4.52 -41.65 -35.00
N LEU A 276 4.53 -41.00 -33.83
CA LEU A 276 4.72 -41.74 -32.59
C LEU A 276 3.59 -42.73 -32.37
N LEU A 277 2.35 -42.35 -32.72
CA LEU A 277 1.27 -43.32 -32.63
C LEU A 277 1.49 -44.50 -33.56
N LEU A 278 1.82 -44.22 -34.83
CA LEU A 278 2.01 -45.27 -35.82
C LEU A 278 3.14 -46.22 -35.42
N ASP A 279 4.14 -45.72 -34.70
CA ASP A 279 5.30 -46.54 -34.36
C ASP A 279 4.90 -47.76 -33.53
N VAL A 280 3.84 -47.66 -32.72
CA VAL A 280 3.50 -48.73 -31.80
C VAL A 280 3.00 -49.95 -32.55
N GLY A 281 2.19 -49.75 -33.60
CA GLY A 281 1.58 -50.85 -34.31
C GLY A 281 2.49 -51.63 -35.23
N CYS A 282 3.77 -51.28 -35.30
CA CYS A 282 4.71 -51.94 -36.20
C CYS A 282 5.78 -52.66 -35.38
N LYS A 283 6.31 -53.73 -35.95
CA LYS A 283 7.32 -54.55 -35.31
C LYS A 283 8.71 -54.13 -35.79
N VAL A 284 9.74 -54.71 -35.17
CA VAL A 284 11.12 -54.35 -35.50
C VAL A 284 11.52 -55.00 -36.82
N LYS A 285 12.40 -54.33 -37.56
CA LYS A 285 12.81 -54.73 -38.91
C LYS A 285 11.64 -54.81 -39.88
N THR A 286 10.57 -54.06 -39.64
CA THR A 286 9.34 -54.19 -40.41
C THR A 286 9.04 -52.95 -41.25
N CYS A 287 8.95 -51.78 -40.63
CA CYS A 287 8.54 -50.56 -41.32
C CYS A 287 9.75 -49.70 -41.62
N ASP A 288 9.93 -49.36 -42.90
CA ASP A 288 11.05 -48.53 -43.32
C ASP A 288 10.79 -47.03 -43.13
N ILE A 289 9.55 -46.64 -42.85
CA ILE A 289 9.27 -45.23 -42.57
C ILE A 289 9.62 -44.87 -41.14
N LEU A 290 9.67 -45.85 -40.23
CA LEU A 290 10.00 -45.59 -38.84
C LEU A 290 11.43 -45.09 -38.67
N PHE A 291 12.30 -45.32 -39.64
CA PHE A 291 13.67 -44.82 -39.60
C PHE A 291 13.78 -43.34 -39.95
N ARG A 292 12.68 -42.72 -40.36
CA ARG A 292 12.72 -41.39 -40.94
C ARG A 292 12.35 -40.29 -39.94
N ALA A 293 12.49 -40.57 -38.65
CA ALA A 293 12.13 -39.60 -37.62
C ALA A 293 13.11 -38.45 -37.50
N GLU A 294 14.15 -38.41 -38.33
CA GLU A 294 15.14 -37.34 -38.24
C GLU A 294 14.60 -36.00 -38.71
N TYR A 295 13.50 -36.00 -39.47
CA TYR A 295 13.00 -34.79 -40.11
C TYR A 295 11.74 -34.25 -39.45
N PHE A 296 11.03 -35.06 -38.67
CA PHE A 296 9.77 -34.61 -38.08
C PHE A 296 9.96 -33.79 -36.81
N LEU A 297 11.15 -33.82 -36.21
CA LEU A 297 11.36 -33.13 -34.94
C LEU A 297 11.44 -31.62 -35.12
N VAL A 298 11.94 -31.17 -36.27
CA VAL A 298 12.09 -29.74 -36.50
C VAL A 298 10.74 -29.05 -36.52
N LEU A 299 9.70 -29.74 -36.98
CA LEU A 299 8.37 -29.15 -36.95
C LEU A 299 7.91 -28.92 -35.51
N ALA A 300 8.22 -29.86 -34.60
CA ALA A 300 7.90 -29.66 -33.20
C ALA A 300 8.69 -28.50 -32.62
N VAL A 301 9.97 -28.39 -32.95
CA VAL A 301 10.79 -27.33 -32.38
C VAL A 301 10.45 -25.97 -32.98
N LEU A 302 9.86 -25.93 -34.17
CA LEU A 302 9.58 -24.67 -34.85
C LEU A 302 8.44 -23.91 -34.19
N ASN A 303 7.59 -24.59 -33.43
CA ASN A 303 6.55 -23.91 -32.66
C ASN A 303 7.14 -22.92 -31.68
N SER A 304 8.29 -23.24 -31.09
CA SER A 304 8.89 -22.37 -30.11
C SER A 304 9.40 -21.06 -30.71
N GLY A 305 9.45 -20.97 -32.03
CA GLY A 305 9.80 -19.72 -32.68
C GLY A 305 8.58 -19.06 -33.28
N THR A 306 7.57 -19.86 -33.63
CA THR A 306 6.31 -19.25 -34.05
C THR A 306 5.62 -18.51 -32.91
N ASN A 307 5.69 -19.07 -31.70
CA ASN A 307 4.91 -18.55 -30.57
C ASN A 307 5.11 -17.07 -30.29
N PRO A 308 6.34 -16.54 -30.22
CA PRO A 308 6.46 -15.09 -29.94
C PRO A 308 5.77 -14.22 -30.95
N ILE A 309 5.84 -14.58 -32.24
CA ILE A 309 5.21 -13.75 -33.27
C ILE A 309 3.71 -13.67 -33.03
N ILE A 310 3.07 -14.81 -32.81
CA ILE A 310 1.63 -14.82 -32.62
C ILE A 310 1.24 -14.07 -31.35
N TYR A 311 1.89 -14.38 -30.24
CA TYR A 311 1.48 -13.76 -28.99
C TYR A 311 1.96 -12.33 -28.85
N THR A 312 2.69 -11.81 -29.84
CA THR A 312 3.08 -10.41 -29.85
C THR A 312 2.32 -9.55 -30.86
N LEU A 313 2.31 -9.92 -32.14
CA LEU A 313 1.81 -9.01 -33.15
C LEU A 313 0.31 -8.78 -33.05
N THR A 314 -0.46 -9.78 -32.63
CA THR A 314 -1.88 -9.55 -32.45
C THR A 314 -2.18 -8.59 -31.30
N ASN A 315 -1.19 -8.30 -30.46
CA ASN A 315 -1.32 -7.33 -29.38
C ASN A 315 -0.69 -6.03 -29.86
N LYS A 316 -1.50 -4.98 -29.95
CA LYS A 316 -1.02 -3.72 -30.53
C LYS A 316 -0.10 -2.97 -29.57
N GLU A 317 -0.41 -3.03 -28.26
CA GLU A 317 0.46 -2.41 -27.28
C GLU A 317 1.84 -3.06 -27.27
N MET A 318 1.90 -4.37 -27.47
CA MET A 318 3.19 -5.03 -27.55
C MET A 318 3.99 -4.57 -28.77
N ARG A 319 3.33 -4.37 -29.92
CA ARG A 319 4.05 -3.86 -31.08
C ARG A 319 4.60 -2.47 -30.81
N ARG A 320 3.75 -1.56 -30.30
CA ARG A 320 4.25 -0.22 -30.04
C ARG A 320 5.24 -0.20 -28.89
N ALA A 321 5.32 -1.29 -28.11
CA ALA A 321 6.43 -1.45 -27.17
C ALA A 321 7.71 -1.86 -27.88
N PHE A 322 7.59 -2.73 -28.89
CA PHE A 322 8.76 -3.07 -29.70
C PHE A 322 9.26 -1.90 -30.52
N ILE A 323 8.40 -0.92 -30.80
CA ILE A 323 8.84 0.21 -31.63
C ILE A 323 10.01 0.92 -30.98
N ARG A 324 10.08 0.91 -29.65
CA ARG A 324 11.22 1.46 -28.93
C ARG A 324 11.66 0.52 -27.81
N GLY B 2 9.11 -16.14 14.20
CA GLY B 2 8.73 -15.15 15.18
C GLY B 2 8.88 -15.63 16.62
N CYS B 3 10.12 -15.91 17.00
CA CYS B 3 10.42 -16.41 18.34
C CYS B 3 10.89 -15.30 19.28
N THR B 4 11.37 -14.18 18.75
CA THR B 4 11.82 -13.07 19.56
C THR B 4 10.74 -12.02 19.78
N LEU B 5 9.48 -12.43 19.84
CA LEU B 5 8.37 -11.51 20.11
C LEU B 5 7.93 -11.67 21.56
N SER B 6 7.60 -10.54 22.19
CA SER B 6 7.14 -10.55 23.57
C SER B 6 5.66 -10.91 23.61
N ALA B 7 5.06 -10.86 24.79
CA ALA B 7 3.66 -11.22 24.91
C ALA B 7 2.77 -10.12 24.36
N GLU B 8 3.23 -8.88 24.41
CA GLU B 8 2.48 -7.73 23.97
C GLU B 8 2.62 -7.44 22.48
N ASP B 9 3.68 -7.94 21.84
CA ASP B 9 3.84 -7.73 20.41
C ASP B 9 2.90 -8.60 19.59
N LYS B 10 2.56 -9.78 20.10
CA LYS B 10 1.71 -10.68 19.36
C LYS B 10 0.27 -10.22 19.34
N ALA B 11 -0.16 -9.53 20.39
CA ALA B 11 -1.50 -8.95 20.43
C ALA B 11 -1.66 -7.83 19.40
N ALA B 12 -0.61 -7.02 19.23
CA ALA B 12 -0.57 -6.02 18.18
C ALA B 12 -0.62 -6.67 16.80
N VAL B 13 0.10 -7.78 16.62
CA VAL B 13 0.06 -8.47 15.32
C VAL B 13 -1.35 -8.96 15.00
N GLU B 14 -2.04 -9.53 15.99
CA GLU B 14 -3.38 -10.00 15.72
C GLU B 14 -4.31 -8.87 15.31
N ARG B 15 -4.24 -7.72 16.00
CA ARG B 15 -5.23 -6.72 15.60
C ARG B 15 -4.92 -6.12 14.23
N SER B 16 -3.64 -6.06 13.85
CA SER B 16 -3.32 -5.66 12.48
C SER B 16 -3.95 -6.62 11.45
N LYS B 17 -3.87 -7.93 11.72
CA LYS B 17 -4.49 -8.91 10.82
C LYS B 17 -6.00 -8.71 10.70
N MET B 18 -6.66 -8.42 11.82
CA MET B 18 -8.11 -8.17 11.78
C MET B 18 -8.44 -6.94 10.93
N ILE B 19 -7.63 -5.89 11.05
CA ILE B 19 -7.85 -4.69 10.24
C ILE B 19 -7.75 -5.05 8.76
N ASP B 20 -6.75 -5.85 8.40
CA ASP B 20 -6.58 -6.28 7.01
C ASP B 20 -7.81 -7.01 6.49
N ARG B 21 -8.36 -7.92 7.29
CA ARG B 21 -9.58 -8.62 6.89
C ARG B 21 -10.70 -7.65 6.54
N ASN B 22 -10.95 -6.69 7.42
CA ASN B 22 -12.07 -5.78 7.17
C ASN B 22 -11.84 -4.94 5.92
N LEU B 23 -10.60 -4.49 5.70
CA LEU B 23 -10.30 -3.73 4.50
C LEU B 23 -10.59 -4.55 3.24
N ARG B 24 -10.19 -5.82 3.23
CA ARG B 24 -10.44 -6.65 2.06
C ARG B 24 -11.92 -6.84 1.80
N GLU B 25 -12.72 -7.02 2.85
CA GLU B 25 -14.16 -7.12 2.64
C GLU B 25 -14.72 -5.87 1.97
N ASP B 26 -14.36 -4.69 2.50
CA ASP B 26 -14.87 -3.46 1.89
C ASP B 26 -14.44 -3.35 0.43
N GLY B 27 -13.20 -3.70 0.11
CA GLY B 27 -12.73 -3.57 -1.26
C GLY B 27 -13.44 -4.50 -2.22
N GLU B 28 -13.66 -5.75 -1.80
CA GLU B 28 -14.43 -6.67 -2.62
C GLU B 28 -15.83 -6.13 -2.87
N LYS B 29 -16.44 -5.57 -1.82
CA LYS B 29 -17.78 -5.00 -1.97
C LYS B 29 -17.81 -3.84 -2.96
N ALA B 30 -16.80 -2.97 -2.91
CA ALA B 30 -16.85 -1.71 -3.64
C ALA B 30 -16.13 -1.74 -4.98
N ALA B 31 -15.59 -2.88 -5.39
CA ALA B 31 -14.90 -2.92 -6.68
C ALA B 31 -15.84 -2.95 -7.88
N ARG B 32 -17.16 -3.08 -7.67
CA ARG B 32 -18.10 -3.34 -8.75
C ARG B 32 -19.17 -2.25 -8.86
N GLU B 33 -18.77 -0.99 -8.83
CA GLU B 33 -19.68 0.13 -9.01
C GLU B 33 -19.17 1.03 -10.12
N VAL B 34 -20.10 1.68 -10.81
CA VAL B 34 -19.81 2.49 -11.98
C VAL B 34 -19.95 3.96 -11.61
N LYS B 35 -18.99 4.77 -12.02
CA LYS B 35 -19.01 6.21 -11.78
C LYS B 35 -19.14 6.95 -13.10
N LEU B 36 -20.13 7.84 -13.20
CA LEU B 36 -20.38 8.61 -14.41
C LEU B 36 -20.28 10.09 -14.11
N LEU B 37 -19.58 10.82 -14.99
CA LEU B 37 -19.42 12.25 -14.88
C LEU B 37 -20.39 12.95 -15.83
N LEU B 38 -21.48 13.48 -15.30
CA LEU B 38 -22.44 14.23 -16.10
C LEU B 38 -21.92 15.63 -16.36
N LEU B 39 -22.08 16.11 -17.60
CA LEU B 39 -21.58 17.41 -18.01
C LEU B 39 -22.67 18.06 -18.88
N GLY B 40 -22.32 19.15 -19.53
CA GLY B 40 -23.23 19.81 -20.45
C GLY B 40 -23.06 21.31 -20.39
N ALA B 41 -23.61 21.96 -21.41
CA ALA B 41 -23.53 23.40 -21.54
C ALA B 41 -24.57 24.08 -20.64
N GLY B 42 -24.57 25.40 -20.64
CA GLY B 42 -25.45 26.18 -19.79
C GLY B 42 -26.93 25.92 -20.06
N GLU B 43 -27.59 25.23 -19.13
CA GLU B 43 -29.00 24.89 -19.25
C GLU B 43 -29.29 24.18 -20.57
N SER B 44 -28.43 23.20 -20.88
CA SER B 44 -28.56 22.44 -22.10
C SER B 44 -29.15 21.06 -21.83
N LYS B 46 -30.00 20.25 -18.78
CA LYS B 46 -29.38 19.01 -18.34
C LYS B 46 -30.29 18.25 -17.38
N SER B 47 -31.12 19.01 -16.65
CA SER B 47 -32.01 18.41 -15.65
C SER B 47 -33.11 17.56 -16.27
N THR B 48 -33.33 17.66 -17.58
CA THR B 48 -34.37 16.88 -18.23
C THR B 48 -34.11 15.38 -18.10
N ILE B 49 -32.85 14.98 -18.26
CA ILE B 49 -32.49 13.59 -17.96
C ILE B 49 -32.56 13.33 -16.46
N VAL B 50 -32.03 14.26 -15.65
CA VAL B 50 -31.91 14.03 -14.21
C VAL B 50 -33.27 13.78 -13.56
N LYS B 51 -34.35 14.22 -14.21
CA LYS B 51 -35.68 13.88 -13.69
C LYS B 51 -36.20 12.54 -14.19
N GLN B 52 -35.64 12.01 -15.28
CA GLN B 52 -36.29 10.89 -15.96
C GLN B 52 -36.06 9.55 -15.24
N MET B 53 -34.99 9.43 -14.48
CA MET B 53 -34.68 8.15 -13.84
C MET B 53 -35.31 8.06 -12.46
N LYS B 54 -36.47 8.70 -12.27
CA LYS B 54 -37.19 8.78 -11.02
C LYS B 54 -36.49 9.72 -10.04
N ILE B 55 -35.84 10.75 -10.59
CA ILE B 55 -35.19 11.76 -9.77
C ILE B 55 -35.52 13.15 -10.31
N THR B 182 -23.50 24.37 -2.20
CA THR B 182 -22.07 24.19 -2.04
C THR B 182 -21.69 22.74 -1.88
N GLY B 183 -20.70 22.30 -2.64
CA GLY B 183 -20.22 20.94 -2.64
C GLY B 183 -20.57 20.21 -3.92
N ILE B 184 -20.02 19.01 -4.03
CA ILE B 184 -20.32 18.12 -5.15
C ILE B 184 -21.60 17.37 -4.82
N VAL B 185 -22.60 17.52 -5.67
CA VAL B 185 -23.87 16.84 -5.52
C VAL B 185 -23.87 15.59 -6.39
N GLU B 186 -24.17 14.45 -5.78
CA GLU B 186 -24.03 13.17 -6.46
C GLU B 186 -25.30 12.35 -6.28
N THR B 187 -25.80 11.80 -7.37
CA THR B 187 -27.03 11.02 -7.37
C THR B 187 -26.71 9.53 -7.50
N HIS B 188 -27.76 8.72 -7.44
CA HIS B 188 -27.60 7.31 -7.13
C HIS B 188 -28.81 6.55 -7.66
N PHE B 189 -28.58 5.60 -8.57
CA PHE B 189 -29.66 4.76 -9.06
C PHE B 189 -29.12 3.38 -9.39
N THR B 190 -30.02 2.39 -9.41
CA THR B 190 -29.65 1.01 -9.66
C THR B 190 -30.51 0.45 -10.79
N PHE B 191 -29.93 -0.49 -11.55
CA PHE B 191 -30.60 -1.01 -12.73
C PHE B 191 -29.89 -2.30 -13.16
N LYS B 192 -30.60 -3.42 -13.09
CA LYS B 192 -30.14 -4.69 -13.65
C LYS B 192 -28.75 -5.06 -13.15
N ASP B 193 -28.61 -5.14 -11.82
CA ASP B 193 -27.42 -5.65 -11.15
C ASP B 193 -26.17 -4.82 -11.43
N LEU B 194 -26.31 -3.53 -11.72
CA LEU B 194 -25.19 -2.59 -11.76
C LEU B 194 -25.50 -1.40 -10.87
N HIS B 195 -24.54 -1.05 -10.03
CA HIS B 195 -24.67 0.05 -9.08
C HIS B 195 -24.09 1.30 -9.73
N PHE B 196 -24.93 2.31 -9.95
CA PHE B 196 -24.54 3.51 -10.67
C PHE B 196 -24.47 4.70 -9.72
N LYS B 197 -23.45 5.52 -9.91
CA LYS B 197 -23.29 6.76 -9.15
C LYS B 197 -22.91 7.87 -10.13
N MET B 198 -23.72 8.91 -10.20
CA MET B 198 -23.53 10.00 -11.13
C MET B 198 -23.24 11.28 -10.37
N PHE B 199 -22.38 12.13 -10.95
CA PHE B 199 -21.91 13.35 -10.30
C PHE B 199 -22.13 14.53 -11.23
N ASP B 200 -22.19 15.72 -10.64
CA ASP B 200 -22.42 16.95 -11.38
C ASP B 200 -21.42 18.00 -10.90
N VAL B 201 -20.74 18.66 -11.84
CA VAL B 201 -19.86 19.78 -11.54
C VAL B 201 -20.21 20.96 -12.43
N GLY B 202 -21.48 21.11 -12.77
CA GLY B 202 -21.89 22.14 -13.70
C GLY B 202 -21.90 23.55 -13.16
N ALA B 203 -21.69 23.72 -11.85
CA ALA B 203 -21.62 25.07 -11.28
C ALA B 203 -20.44 25.85 -11.85
N GLN B 204 -19.28 25.20 -11.97
CA GLN B 204 -18.09 25.80 -12.56
C GLN B 204 -18.18 25.62 -14.08
N ARG B 205 -18.56 26.70 -14.77
CA ARG B 205 -18.60 26.66 -16.23
C ARG B 205 -17.37 27.28 -16.86
N SER B 206 -16.46 27.86 -16.08
CA SER B 206 -15.20 28.37 -16.61
C SER B 206 -14.32 27.17 -16.98
N GLU B 207 -13.23 27.44 -17.71
CA GLU B 207 -12.37 26.35 -18.15
C GLU B 207 -11.81 25.61 -16.94
N ARG B 208 -12.11 24.32 -16.85
CA ARG B 208 -11.96 23.54 -15.63
C ARG B 208 -10.89 22.46 -15.73
N LYS B 209 -9.88 22.58 -14.91
CA LYS B 209 -8.85 21.56 -14.78
C LYS B 209 -8.59 21.14 -13.34
N LYS B 210 -8.87 22.02 -12.37
CA LYS B 210 -8.67 21.73 -10.96
C LYS B 210 -9.77 20.82 -10.44
N TRP B 211 -10.68 20.45 -11.34
CA TRP B 211 -11.55 19.30 -11.14
C TRP B 211 -11.18 18.11 -12.02
N ILE B 212 -10.46 18.32 -13.12
CA ILE B 212 -9.96 17.21 -13.93
C ILE B 212 -8.68 16.64 -13.33
N HIS B 213 -8.15 17.28 -12.27
CA HIS B 213 -7.08 16.71 -11.46
C HIS B 213 -7.51 15.42 -10.78
N CYS B 214 -8.81 15.19 -10.67
CA CYS B 214 -9.33 14.15 -9.81
C CYS B 214 -10.36 13.24 -10.47
N PHE B 215 -10.71 13.47 -11.73
CA PHE B 215 -11.70 12.66 -12.44
C PHE B 215 -11.07 11.79 -13.51
N GLU B 216 -9.75 11.58 -13.42
CA GLU B 216 -8.98 11.00 -14.51
C GLU B 216 -9.39 9.58 -14.85
N GLY B 217 -9.93 8.82 -13.90
CA GLY B 217 -10.20 7.43 -14.19
C GLY B 217 -11.66 7.05 -14.33
N VAL B 218 -12.52 8.01 -14.71
CA VAL B 218 -13.95 7.76 -14.75
C VAL B 218 -14.27 6.80 -15.90
N THR B 219 -15.38 6.08 -15.77
CA THR B 219 -15.76 5.09 -16.78
C THR B 219 -16.19 5.77 -18.09
N ALA B 220 -17.07 6.75 -18.01
CA ALA B 220 -17.57 7.41 -19.21
C ALA B 220 -18.02 8.81 -18.85
N ILE B 221 -18.64 9.48 -19.81
CA ILE B 221 -19.16 10.83 -19.65
C ILE B 221 -20.53 10.90 -20.31
N ILE B 222 -21.44 11.68 -19.74
CA ILE B 222 -22.78 11.84 -20.27
C ILE B 222 -22.99 13.31 -20.61
N PHE B 223 -23.32 13.60 -21.87
CA PHE B 223 -23.80 14.91 -22.29
C PHE B 223 -25.32 14.97 -22.35
N CYS B 224 -25.81 16.21 -22.43
CA CYS B 224 -27.21 16.53 -22.67
C CYS B 224 -27.25 17.80 -23.52
N VAL B 225 -27.89 17.71 -24.68
CA VAL B 225 -28.20 18.89 -25.49
C VAL B 225 -29.61 18.77 -26.04
N PHE B 250 -16.19 21.35 -26.37
CA PHE B 250 -16.22 19.96 -26.79
C PHE B 250 -14.84 19.56 -27.30
N ASP B 251 -14.14 20.53 -27.88
CA ASP B 251 -12.76 20.30 -28.31
C ASP B 251 -11.86 19.97 -27.13
N SER B 252 -11.99 20.72 -26.04
CA SER B 252 -11.19 20.46 -24.85
C SER B 252 -11.50 19.11 -24.23
N ILE B 253 -12.74 18.65 -24.31
CA ILE B 253 -13.12 17.39 -23.69
C ILE B 253 -12.53 16.20 -24.43
N CYS B 254 -12.90 16.04 -25.71
CA CYS B 254 -12.60 14.84 -26.47
C CYS B 254 -11.18 14.80 -27.02
N ASN B 255 -10.41 15.87 -26.87
CA ASN B 255 -9.07 15.97 -27.46
C ASN B 255 -8.03 16.30 -26.40
N ASN B 256 -8.08 15.58 -25.28
CA ASN B 256 -7.10 15.73 -24.21
C ASN B 256 -6.37 14.42 -23.98
N LYS B 257 -5.18 14.53 -23.38
CA LYS B 257 -4.29 13.37 -23.28
C LYS B 257 -4.69 12.40 -22.18
N TRP B 258 -5.33 12.88 -21.12
CA TRP B 258 -5.76 11.96 -20.06
C TRP B 258 -7.03 11.21 -20.45
N PHE B 259 -7.85 11.78 -21.32
CA PHE B 259 -9.05 11.11 -21.85
C PHE B 259 -8.75 10.40 -23.17
N THR B 260 -7.53 9.89 -23.32
CA THR B 260 -7.09 9.34 -24.61
C THR B 260 -8.01 8.23 -25.10
N ASP B 261 -8.57 7.46 -24.17
CA ASP B 261 -9.37 6.28 -24.49
C ASP B 261 -10.65 6.25 -23.66
N THR B 262 -11.32 7.41 -23.59
CA THR B 262 -12.52 7.59 -22.77
C THR B 262 -13.70 7.91 -23.66
N SER B 263 -14.62 6.97 -23.80
CA SER B 263 -15.83 7.20 -24.57
C SER B 263 -16.69 8.28 -23.91
N ILE B 264 -17.62 8.83 -24.69
CA ILE B 264 -18.54 9.85 -24.20
C ILE B 264 -19.92 9.60 -24.79
N ILE B 265 -20.92 9.44 -23.92
CA ILE B 265 -22.30 9.27 -24.34
C ILE B 265 -22.88 10.63 -24.70
N LEU B 266 -23.73 10.66 -25.73
CA LEU B 266 -24.22 11.92 -26.29
C LEU B 266 -25.73 11.88 -26.43
N PHE B 267 -26.37 13.02 -26.21
CA PHE B 267 -27.82 13.15 -26.34
C PHE B 267 -28.15 14.30 -27.27
N LEU B 268 -29.03 14.06 -28.23
CA LEU B 268 -29.52 15.10 -29.11
C LEU B 268 -31.04 15.21 -28.99
N TYR B 320 -21.28 7.32 -29.26
CA TYR B 320 -22.65 6.87 -29.07
C TYR B 320 -23.59 8.07 -29.12
N THR B 321 -24.79 7.86 -29.68
CA THR B 321 -25.70 8.96 -29.98
C THR B 321 -27.12 8.49 -29.70
N HIS B 322 -28.01 9.44 -29.42
CA HIS B 322 -29.38 9.08 -29.07
C HIS B 322 -30.30 10.28 -29.32
N PHE B 323 -31.62 10.00 -29.23
CA PHE B 323 -32.65 11.02 -29.30
C PHE B 323 -33.61 10.83 -28.14
N THR B 324 -33.78 11.89 -27.33
CA THR B 324 -34.64 11.86 -26.16
C THR B 324 -35.96 12.57 -26.45
N CYS B 325 -37.08 11.93 -26.08
CA CYS B 325 -38.39 12.56 -26.14
C CYS B 325 -39.04 12.48 -24.77
N SER B 326 -40.29 12.94 -24.70
CA SER B 326 -40.98 13.04 -23.42
C SER B 326 -41.18 11.67 -22.76
N THR B 327 -41.52 10.65 -23.55
CA THR B 327 -41.78 9.32 -23.01
C THR B 327 -40.68 8.33 -23.34
N ASP B 328 -39.50 8.80 -23.73
CA ASP B 328 -38.39 7.92 -24.07
C ASP B 328 -37.70 7.45 -22.78
N THR B 329 -38.36 6.51 -22.10
CA THR B 329 -37.75 5.89 -20.93
C THR B 329 -36.60 4.97 -21.29
N LYS B 330 -36.40 4.70 -22.57
CA LYS B 330 -35.26 3.91 -23.05
C LYS B 330 -33.94 4.61 -22.81
N ASN B 331 -33.95 5.84 -22.29
CA ASN B 331 -32.73 6.54 -21.96
C ASN B 331 -31.94 5.87 -20.85
N VAL B 332 -32.55 4.92 -20.14
CA VAL B 332 -31.84 4.16 -19.12
C VAL B 332 -31.20 2.92 -19.72
N GLN B 333 -31.97 2.20 -20.54
CA GLN B 333 -31.42 1.04 -21.25
C GLN B 333 -30.27 1.46 -22.14
N PHE B 334 -30.36 2.64 -22.76
CA PHE B 334 -29.29 3.08 -23.64
C PHE B 334 -27.98 3.27 -22.90
N VAL B 335 -28.02 3.95 -21.75
CA VAL B 335 -26.78 4.18 -21.02
C VAL B 335 -26.25 2.86 -20.44
N PHE B 336 -27.15 1.98 -20.02
CA PHE B 336 -26.74 0.66 -19.55
C PHE B 336 -26.02 -0.12 -20.64
N ASP B 337 -26.57 -0.10 -21.86
CA ASP B 337 -25.95 -0.82 -22.97
C ASP B 337 -24.59 -0.24 -23.29
N ALA B 338 -24.49 1.09 -23.34
CA ALA B 338 -23.22 1.72 -23.67
C ALA B 338 -22.15 1.35 -22.64
N VAL B 339 -22.50 1.35 -21.35
CA VAL B 339 -21.47 1.05 -20.37
C VAL B 339 -21.07 -0.42 -20.41
N THR B 340 -22.01 -1.33 -20.70
CA THR B 340 -21.64 -2.73 -20.88
C THR B 340 -20.65 -2.90 -22.04
N ASP B 341 -20.88 -2.18 -23.13
CA ASP B 341 -19.94 -2.23 -24.26
C ASP B 341 -18.56 -1.70 -23.88
N VAL B 342 -18.51 -0.59 -23.13
CA VAL B 342 -17.24 -0.07 -22.66
C VAL B 342 -16.50 -1.11 -21.82
N ILE B 343 -17.24 -1.82 -20.96
CA ILE B 343 -16.62 -2.81 -20.09
C ILE B 343 -16.04 -3.97 -20.89
N ILE B 344 -16.78 -4.45 -21.91
CA ILE B 344 -16.27 -5.53 -22.74
C ILE B 344 -14.97 -5.14 -23.42
N LYS B 345 -14.92 -3.92 -23.98
CA LYS B 345 -13.67 -3.48 -24.61
C LYS B 345 -12.54 -3.43 -23.60
N ASN B 346 -12.81 -2.95 -22.39
CA ASN B 346 -11.77 -2.89 -21.37
C ASN B 346 -11.20 -4.27 -21.09
N ASN B 347 -12.08 -5.26 -20.91
CA ASN B 347 -11.62 -6.61 -20.59
C ASN B 347 -10.83 -7.23 -21.72
N LEU B 348 -11.29 -7.06 -22.97
CA LEU B 348 -10.52 -7.59 -24.09
C LEU B 348 -9.13 -6.98 -24.13
N LYS B 349 -9.05 -5.67 -23.92
CA LYS B 349 -7.74 -5.01 -24.00
C LYS B 349 -6.83 -5.45 -22.87
N ASP B 350 -7.38 -5.81 -21.70
CA ASP B 350 -6.51 -6.21 -20.59
C ASP B 350 -5.87 -7.57 -20.81
N CYS B 351 -6.65 -8.56 -21.25
CA CYS B 351 -6.17 -9.92 -21.37
C CYS B 351 -5.48 -10.19 -22.71
N GLY B 352 -4.98 -9.16 -23.37
CA GLY B 352 -4.21 -9.35 -24.58
C GLY B 352 -4.97 -9.77 -25.81
N LEU B 353 -6.23 -10.18 -25.67
CA LEU B 353 -6.98 -10.78 -26.76
C LEU B 353 -7.46 -9.75 -27.79
N PHE B 354 -6.90 -8.55 -27.80
CA PHE B 354 -7.37 -7.50 -28.69
C PHE B 354 -6.32 -6.40 -28.86
N SER C 7 -11.33 58.19 -14.01
CA SER C 7 -10.29 59.21 -13.95
C SER C 7 -9.13 58.77 -13.07
N GLU C 8 -9.44 58.49 -11.80
CA GLU C 8 -8.42 58.03 -10.85
C GLU C 8 -7.82 56.69 -11.26
N LEU C 9 -8.52 55.94 -12.12
CA LEU C 9 -8.00 54.64 -12.57
C LEU C 9 -6.67 54.80 -13.29
N ASP C 10 -6.57 55.78 -14.19
CA ASP C 10 -5.34 55.98 -14.94
C ASP C 10 -4.20 56.42 -14.04
N GLN C 11 -4.49 57.31 -13.08
CA GLN C 11 -3.47 57.74 -12.14
C GLN C 11 -2.98 56.59 -11.28
N LEU C 12 -3.90 55.75 -10.79
CA LEU C 12 -3.50 54.60 -9.98
C LEU C 12 -2.74 53.57 -10.81
N ARG C 13 -3.10 53.42 -12.10
CA ARG C 13 -2.32 52.55 -12.98
C ARG C 13 -0.90 53.06 -13.14
N GLN C 14 -0.73 54.38 -13.34
CA GLN C 14 0.61 54.94 -13.46
C GLN C 14 1.40 54.76 -12.16
N GLU C 15 0.73 54.95 -11.02
CA GLU C 15 1.39 54.73 -9.74
C GLU C 15 1.81 53.27 -9.59
N ALA C 16 0.96 52.33 -10.01
CA ALA C 16 1.32 50.92 -9.94
C ALA C 16 2.51 50.61 -10.84
N GLU C 17 2.54 51.19 -12.04
CA GLU C 17 3.69 50.99 -12.92
C GLU C 17 4.96 51.53 -12.30
N GLN C 18 4.89 52.73 -11.70
CA GLN C 18 6.06 53.28 -11.02
C GLN C 18 6.51 52.39 -9.87
N LEU C 19 5.57 51.86 -9.09
CA LEU C 19 5.92 50.98 -7.98
C LEU C 19 6.56 49.70 -8.49
N LYS C 20 6.05 49.14 -9.58
CA LYS C 20 6.64 47.95 -10.16
C LYS C 20 8.07 48.20 -10.62
N ASN C 21 8.30 49.33 -11.30
CA ASN C 21 9.65 49.66 -11.75
C ASN C 21 10.58 49.86 -10.57
N GLN C 22 10.11 50.55 -9.53
CA GLN C 22 10.92 50.76 -8.34
C GLN C 22 11.29 49.43 -7.68
N ILE C 23 10.32 48.51 -7.56
CA ILE C 23 10.59 47.23 -6.92
C ILE C 23 11.56 46.40 -7.74
N ARG C 24 11.38 46.39 -9.06
CA ARG C 24 12.29 45.64 -9.92
C ARG C 24 13.72 46.18 -9.82
N ASP C 25 13.87 47.50 -9.83
CA ASP C 25 15.20 48.07 -9.74
C ASP C 25 15.79 47.88 -8.35
N ALA C 26 14.96 47.91 -7.30
CA ALA C 26 15.45 47.63 -5.97
C ALA C 26 15.98 46.21 -5.86
N ARG C 27 15.29 45.26 -6.48
CA ARG C 27 15.79 43.89 -6.50
C ARG C 27 17.06 43.78 -7.33
N LYS C 28 17.13 44.48 -8.46
CA LYS C 28 18.34 44.45 -9.27
C LYS C 28 19.51 45.11 -8.57
N ALA C 29 19.25 45.99 -7.61
CA ALA C 29 20.29 46.69 -6.88
C ALA C 29 21.11 45.77 -5.99
N CYS C 30 20.67 44.53 -5.79
CA CYS C 30 21.38 43.61 -4.90
C CYS C 30 21.75 42.30 -5.57
N ALA C 31 21.43 42.10 -6.85
CA ALA C 31 21.73 40.85 -7.55
C ALA C 31 23.23 40.81 -7.81
N ASP C 32 23.99 40.54 -6.75
CA ASP C 32 25.44 40.61 -6.82
C ASP C 32 25.98 39.63 -7.85
N ALA C 33 25.59 38.36 -7.74
CA ALA C 33 25.96 37.30 -8.66
C ALA C 33 25.08 36.10 -8.35
N THR C 34 25.21 35.05 -9.16
CA THR C 34 24.44 33.85 -8.95
C THR C 34 24.91 33.14 -7.67
N LEU C 35 24.05 32.24 -7.18
CA LEU C 35 24.42 31.42 -6.03
C LEU C 35 25.59 30.51 -6.37
N SER C 36 25.63 29.99 -7.60
CA SER C 36 26.70 29.08 -8.00
C SER C 36 28.06 29.77 -8.00
N GLN C 37 28.13 31.01 -8.51
CA GLN C 37 29.42 31.68 -8.67
C GLN C 37 30.09 31.90 -7.33
N ILE C 38 29.36 32.45 -6.36
CA ILE C 38 29.93 32.75 -5.05
C ILE C 38 30.31 31.47 -4.31
N THR C 39 29.77 30.33 -4.71
CA THR C 39 29.82 29.10 -3.94
C THR C 39 30.35 27.93 -4.75
N ASN C 40 31.49 28.13 -5.43
CA ASN C 40 32.14 27.06 -6.18
C ASN C 40 32.96 26.14 -5.28
N ASN C 41 32.74 26.18 -3.97
CA ASN C 41 33.57 25.50 -2.99
C ASN C 41 32.92 24.25 -2.42
N ILE C 42 32.06 23.59 -3.19
CA ILE C 42 31.19 22.56 -2.65
C ILE C 42 31.46 21.24 -3.37
N ASP C 43 31.68 20.18 -2.59
CA ASP C 43 31.83 18.84 -3.14
C ASP C 43 30.45 18.21 -3.33
N PRO C 44 30.18 17.61 -4.49
CA PRO C 44 28.92 16.89 -4.66
C PRO C 44 28.82 15.77 -3.64
N VAL C 45 27.58 15.49 -3.22
CA VAL C 45 27.35 14.41 -2.28
C VAL C 45 27.80 13.08 -2.86
N GLY C 46 27.84 12.97 -4.18
CA GLY C 46 28.11 11.70 -4.82
C GLY C 46 26.82 10.96 -5.11
N ARG C 47 26.99 9.74 -5.61
CA ARG C 47 25.82 8.91 -5.90
C ARG C 47 25.17 8.49 -4.59
N ILE C 48 23.85 8.66 -4.50
CA ILE C 48 23.10 8.43 -3.28
C ILE C 48 22.08 7.36 -3.60
N GLN C 49 22.19 6.22 -2.94
CA GLN C 49 21.36 5.07 -3.29
C GLN C 49 20.60 4.63 -2.05
N MET C 50 19.29 4.53 -2.19
CA MET C 50 18.41 4.02 -1.15
C MET C 50 17.66 2.84 -1.70
N ARG C 51 16.91 2.19 -0.82
CA ARG C 51 16.30 0.93 -1.17
C ARG C 51 15.15 0.65 -0.22
N THR C 52 14.19 -0.12 -0.71
CA THR C 52 12.98 -0.37 0.04
C THR C 52 13.30 -1.20 1.27
N ARG C 53 13.17 -0.60 2.45
CA ARG C 53 13.21 -1.37 3.69
C ARG C 53 11.86 -1.97 4.01
N ARG C 54 10.80 -1.20 3.86
CA ARG C 54 9.46 -1.64 4.18
C ARG C 54 8.53 -1.26 3.05
N THR C 55 7.53 -2.10 2.81
CA THR C 55 6.47 -1.81 1.84
C THR C 55 5.14 -1.99 2.53
N LEU C 56 4.34 -0.93 2.55
CA LEU C 56 3.07 -0.91 3.24
C LEU C 56 1.95 -1.20 2.25
N ARG C 57 1.12 -2.18 2.57
CA ARG C 57 0.10 -2.70 1.67
C ARG C 57 -1.26 -2.65 2.36
N GLY C 58 -2.30 -2.38 1.59
CA GLY C 58 -3.63 -2.27 2.17
C GLY C 58 -4.56 -1.25 1.53
N HIS C 59 -4.03 -0.21 0.92
CA HIS C 59 -4.85 0.74 0.18
C HIS C 59 -5.24 0.16 -1.18
N LEU C 60 -6.45 0.49 -1.64
CA LEU C 60 -7.03 -0.13 -2.82
C LEU C 60 -7.37 0.84 -3.94
N ALA C 61 -6.68 1.98 -3.99
CA ALA C 61 -6.90 3.01 -5.01
C ALA C 61 -5.72 3.96 -4.95
N LYS C 62 -5.82 5.08 -5.65
CA LYS C 62 -4.72 6.04 -5.69
C LYS C 62 -4.56 6.75 -4.36
N ILE C 63 -3.32 7.00 -3.98
CA ILE C 63 -2.99 7.74 -2.78
C ILE C 63 -2.74 9.18 -3.18
N TYR C 64 -3.36 10.10 -2.45
CA TYR C 64 -3.28 11.53 -2.69
C TYR C 64 -2.46 12.29 -1.65
N ALA C 65 -2.32 11.78 -0.43
CA ALA C 65 -1.65 12.53 0.65
C ALA C 65 -1.20 11.60 1.78
N MET C 66 -0.07 11.94 2.39
CA MET C 66 0.41 11.32 3.62
C MET C 66 0.98 12.40 4.54
N HIS C 67 1.29 12.02 5.79
CA HIS C 67 1.81 12.95 6.79
C HIS C 67 2.41 12.18 7.96
N TRP C 68 3.65 12.50 8.34
CA TRP C 68 4.32 11.84 9.47
C TRP C 68 3.84 12.38 10.81
N GLY C 69 3.84 11.49 11.82
CA GLY C 69 3.71 11.88 13.21
C GLY C 69 4.98 12.49 13.74
N THR C 70 4.86 13.22 14.84
CA THR C 70 5.99 13.99 15.32
C THR C 70 6.97 13.20 16.18
N ASP C 71 6.72 11.92 16.43
CA ASP C 71 7.69 11.06 17.07
C ASP C 71 8.59 10.32 16.08
N SER C 72 8.29 10.42 14.78
CA SER C 72 9.03 9.75 13.71
C SER C 72 8.77 8.26 13.67
N ARG C 73 7.59 7.81 14.10
CA ARG C 73 7.27 6.40 14.03
C ARG C 73 5.85 6.10 13.54
N LEU C 74 4.91 7.03 13.60
CA LEU C 74 3.54 6.79 13.14
C LEU C 74 3.21 7.64 11.92
N LEU C 75 2.29 7.16 11.08
CA LEU C 75 1.96 7.81 9.81
C LEU C 75 0.46 7.74 9.53
N VAL C 76 -0.09 8.79 8.91
CA VAL C 76 -1.46 8.77 8.41
C VAL C 76 -1.44 8.92 6.88
N SER C 77 -2.34 8.23 6.19
CA SER C 77 -2.40 8.30 4.74
C SER C 77 -3.85 8.23 4.24
N ALA C 78 -4.12 8.93 3.14
CA ALA C 78 -5.45 9.08 2.57
C ALA C 78 -5.48 8.69 1.10
N SER C 79 -6.58 8.07 0.66
CA SER C 79 -6.71 7.61 -0.71
C SER C 79 -8.18 7.63 -1.14
N GLN C 80 -8.42 7.50 -2.45
CA GLN C 80 -9.77 7.59 -3.01
C GLN C 80 -10.65 6.39 -2.73
N ASP C 81 -10.15 5.32 -2.15
CA ASP C 81 -11.06 4.30 -1.66
C ASP C 81 -11.74 4.71 -0.37
N GLY C 82 -11.64 5.97 0.01
CA GLY C 82 -12.37 6.51 1.15
C GLY C 82 -11.91 6.01 2.50
N LYS C 83 -10.59 5.90 2.69
CA LYS C 83 -10.02 5.41 3.94
C LYS C 83 -8.90 6.33 4.38
N LEU C 84 -8.57 6.19 5.67
CA LEU C 84 -7.55 7.01 6.33
C LEU C 84 -6.89 6.08 7.35
N ILE C 85 -5.68 5.60 7.04
CA ILE C 85 -5.00 4.57 7.82
C ILE C 85 -3.87 5.19 8.64
N ILE C 86 -3.66 4.67 9.85
CA ILE C 86 -2.51 4.98 10.69
C ILE C 86 -1.63 3.74 10.83
N TRP C 87 -0.31 3.92 10.71
CA TRP C 87 0.66 2.85 10.53
C TRP C 87 1.72 2.85 11.63
N ASP C 88 2.27 1.67 11.89
CA ASP C 88 3.53 1.51 12.62
C ASP C 88 4.60 1.15 11.60
N SER C 89 5.53 2.05 11.35
CA SER C 89 6.51 1.81 10.29
C SER C 89 7.67 0.91 10.71
N TYR C 90 7.86 0.70 12.02
CA TYR C 90 8.92 -0.19 12.46
C TYR C 90 8.57 -1.64 12.23
N THR C 91 7.31 -2.01 12.49
CA THR C 91 6.88 -3.39 12.40
C THR C 91 5.88 -3.64 11.30
N THR C 92 5.44 -2.60 10.59
CA THR C 92 4.42 -2.63 9.54
C THR C 92 3.04 -2.98 10.07
N ASN C 93 2.79 -2.79 11.36
CA ASN C 93 1.49 -3.03 11.94
C ASN C 93 0.52 -1.91 11.60
N LYS C 94 -0.76 -2.24 11.59
CA LYS C 94 -1.81 -1.25 11.43
C LYS C 94 -2.43 -0.94 12.78
N VAL C 95 -2.47 0.35 13.13
CA VAL C 95 -2.97 0.78 14.43
C VAL C 95 -4.44 1.18 14.41
N HIS C 96 -4.88 1.92 13.39
CA HIS C 96 -6.27 2.39 13.24
C HIS C 96 -6.68 2.36 11.78
N ALA C 97 -7.99 2.41 11.52
CA ALA C 97 -8.50 2.68 10.18
C ALA C 97 -9.84 3.42 10.26
N ILE C 98 -9.95 4.55 9.56
CA ILE C 98 -11.04 5.50 9.71
C ILE C 98 -11.79 5.68 8.41
N PRO C 99 -13.11 5.45 8.36
CA PRO C 99 -13.89 5.69 7.14
C PRO C 99 -14.43 7.10 7.02
N LEU C 100 -14.34 7.65 5.80
CA LEU C 100 -14.65 9.05 5.52
C LEU C 100 -16.00 9.18 4.84
N ARG C 101 -16.61 10.36 5.01
CA ARG C 101 -17.97 10.57 4.50
C ARG C 101 -18.01 10.77 3.00
N SER C 102 -17.03 11.48 2.44
CA SER C 102 -16.94 11.75 1.02
C SER C 102 -15.63 11.20 0.48
N SER C 103 -15.68 10.62 -0.70
CA SER C 103 -14.54 9.89 -1.24
C SER C 103 -13.61 10.75 -2.08
N TRP C 104 -13.95 12.02 -2.30
CA TRP C 104 -13.15 12.90 -3.14
C TRP C 104 -12.23 13.76 -2.28
N VAL C 105 -11.32 13.11 -1.57
CA VAL C 105 -10.44 13.76 -0.61
C VAL C 105 -9.20 14.27 -1.33
N MET C 106 -8.51 15.24 -0.73
CA MET C 106 -7.29 15.78 -1.29
C MET C 106 -6.14 16.02 -0.32
N THR C 107 -6.35 16.00 1.00
CA THR C 107 -5.30 16.39 1.94
C THR C 107 -5.60 15.81 3.31
N CYS C 108 -4.58 15.75 4.16
CA CYS C 108 -4.73 15.30 5.54
C CYS C 108 -3.61 15.87 6.40
N ALA C 109 -3.83 15.86 7.71
CA ALA C 109 -2.82 16.35 8.64
C ALA C 109 -2.90 15.56 9.93
N TYR C 110 -1.87 15.72 10.76
CA TYR C 110 -1.76 15.03 12.03
C TYR C 110 -1.38 16.06 13.10
N ALA C 111 -1.94 15.96 14.30
CA ALA C 111 -1.72 17.00 15.33
C ALA C 111 -0.39 16.81 16.05
N PRO C 112 0.42 17.86 16.20
CA PRO C 112 1.75 17.73 16.81
C PRO C 112 1.80 17.18 18.22
N SER C 113 0.65 16.94 18.84
CA SER C 113 0.61 16.31 20.14
C SER C 113 0.27 14.83 20.08
N GLY C 114 -0.38 14.38 19.00
CA GLY C 114 -0.74 13.00 18.84
C GLY C 114 -2.21 12.71 19.03
N ASN C 115 -3.02 13.74 19.29
CA ASN C 115 -4.40 13.53 19.70
C ASN C 115 -5.40 13.60 18.56
N TYR C 116 -5.06 14.24 17.43
CA TYR C 116 -6.01 14.57 16.38
C TYR C 116 -5.41 14.38 14.99
N VAL C 117 -6.28 14.06 14.01
CA VAL C 117 -6.00 14.12 12.58
C VAL C 117 -7.07 14.97 11.89
N ALA C 118 -6.82 15.33 10.63
CA ALA C 118 -7.75 16.12 9.81
C ALA C 118 -7.69 15.71 8.34
N CYS C 119 -8.71 16.09 7.57
CA CYS C 119 -8.79 15.78 6.14
C CYS C 119 -9.84 16.65 5.45
N GLY C 120 -9.83 16.61 4.11
CA GLY C 120 -10.81 17.35 3.31
C GLY C 120 -10.55 17.23 1.81
N GLY C 121 -11.48 17.80 1.03
CA GLY C 121 -11.48 17.72 -0.43
C GLY C 121 -12.59 18.50 -1.15
N LEU C 122 -13.32 17.85 -2.07
CA LEU C 122 -14.33 18.50 -2.91
C LEU C 122 -15.65 18.78 -2.20
N ASP C 123 -15.83 18.35 -0.96
CA ASP C 123 -17.07 18.59 -0.24
C ASP C 123 -17.13 19.96 0.43
N ASN C 124 -16.06 20.74 0.35
CA ASN C 124 -15.99 22.10 0.87
C ASN C 124 -15.97 22.16 2.39
N ILE C 125 -15.63 21.07 3.06
CA ILE C 125 -15.63 20.94 4.51
C ILE C 125 -14.25 20.47 4.97
N CYS C 126 -13.86 20.83 6.19
CA CYS C 126 -12.68 20.26 6.85
C CYS C 126 -13.09 19.58 8.16
N SER C 127 -12.76 18.29 8.30
CA SER C 127 -13.18 17.49 9.43
C SER C 127 -12.02 17.15 10.37
N ILE C 128 -12.36 16.90 11.63
CA ILE C 128 -11.39 16.76 12.71
C ILE C 128 -11.75 15.56 13.58
N TYR C 129 -10.75 14.74 13.91
CA TYR C 129 -10.96 13.42 14.53
C TYR C 129 -10.20 13.29 15.85
N ASN C 130 -10.88 12.80 16.87
CA ASN C 130 -10.29 12.59 18.19
C ASN C 130 -9.79 11.15 18.31
N LEU C 131 -8.52 10.99 18.66
CA LEU C 131 -7.89 9.67 18.66
C LEU C 131 -7.91 9.00 20.03
N LYS C 132 -7.75 9.77 21.10
CA LYS C 132 -7.61 9.22 22.44
C LYS C 132 -8.90 9.41 23.23
N THR C 133 -9.88 8.59 22.92
CA THR C 133 -11.14 8.61 23.66
C THR C 133 -11.18 7.49 24.69
N ARG C 134 -12.05 7.68 25.68
CA ARG C 134 -12.20 6.75 26.79
C ARG C 134 -13.04 5.53 26.43
N GLU C 135 -13.68 5.52 25.26
CA GLU C 135 -14.54 4.43 24.83
C GLU C 135 -13.88 3.52 23.81
N GLY C 136 -12.68 3.84 23.34
CA GLY C 136 -11.95 2.95 22.47
C GLY C 136 -12.36 2.94 21.02
N ASN C 137 -12.51 4.10 20.41
CA ASN C 137 -12.77 4.23 18.98
C ASN C 137 -12.29 5.61 18.54
N VAL C 138 -12.53 5.95 17.27
CA VAL C 138 -12.24 7.27 16.75
C VAL C 138 -13.55 7.89 16.29
N ARG C 139 -13.80 9.13 16.70
CA ARG C 139 -15.02 9.85 16.37
C ARG C 139 -14.68 11.24 15.85
N VAL C 140 -15.60 11.82 15.10
CA VAL C 140 -15.45 13.17 14.57
C VAL C 140 -15.71 14.19 15.68
N SER C 141 -14.83 15.18 15.80
CA SER C 141 -15.00 16.26 16.78
C SER C 141 -15.62 17.53 16.20
N ARG C 142 -15.29 17.90 14.96
CA ARG C 142 -15.67 19.19 14.41
C ARG C 142 -15.86 19.08 12.91
N GLU C 143 -16.56 20.06 12.35
CA GLU C 143 -16.72 20.22 10.90
C GLU C 143 -16.81 21.71 10.60
N LEU C 144 -15.94 22.19 9.71
CA LEU C 144 -15.78 23.61 9.44
C LEU C 144 -16.39 23.96 8.10
N ALA C 145 -17.30 24.93 8.09
CA ALA C 145 -18.10 25.25 6.91
C ALA C 145 -18.07 26.74 6.64
N GLY C 146 -17.93 27.12 5.37
CA GLY C 146 -17.83 28.52 5.02
C GLY C 146 -16.97 28.87 3.83
N HIS C 147 -16.10 27.96 3.39
CA HIS C 147 -15.43 28.15 2.12
C HIS C 147 -16.41 27.87 0.98
N THR C 148 -16.16 28.47 -0.18
CA THR C 148 -17.05 28.31 -1.32
C THR C 148 -16.53 27.33 -2.36
N GLY C 149 -15.24 27.38 -2.71
CA GLY C 149 -14.65 26.39 -3.59
C GLY C 149 -14.25 25.13 -2.84
N TYR C 150 -13.44 24.30 -3.51
CA TYR C 150 -12.95 23.07 -2.89
C TYR C 150 -11.82 23.37 -1.91
N LEU C 151 -11.37 22.33 -1.22
CA LEU C 151 -10.44 22.46 -0.10
C LEU C 151 -9.11 21.81 -0.50
N SER C 152 -7.99 22.51 -0.26
CA SER C 152 -6.71 22.07 -0.81
C SER C 152 -5.66 21.64 0.19
N CYS C 153 -5.50 22.33 1.32
CA CYS C 153 -4.44 21.99 2.26
C CYS C 153 -4.75 22.56 3.64
N CYS C 154 -4.23 21.91 4.69
CA CYS C 154 -4.51 22.27 6.08
C CYS C 154 -3.39 21.76 6.97
N ARG C 155 -3.16 22.46 8.09
CA ARG C 155 -2.10 22.14 9.02
C ARG C 155 -2.44 22.70 10.40
N PHE C 156 -2.58 21.83 11.40
CA PHE C 156 -2.80 22.28 12.78
C PHE C 156 -1.66 23.17 13.25
N LEU C 157 -2.00 24.17 14.06
CA LEU C 157 -1.02 24.95 14.81
C LEU C 157 -0.88 24.48 16.25
N ASP C 158 -1.98 24.06 16.85
CA ASP C 158 -2.01 23.52 18.20
C ASP C 158 -3.29 22.70 18.33
N ASP C 159 -3.71 22.43 19.56
CA ASP C 159 -4.94 21.68 19.74
C ASP C 159 -6.18 22.46 19.38
N ASN C 160 -6.08 23.77 19.15
CA ASN C 160 -7.26 24.61 18.97
C ASN C 160 -7.19 25.55 17.78
N GLN C 161 -6.23 25.40 16.87
CA GLN C 161 -6.14 26.32 15.73
C GLN C 161 -5.62 25.60 14.50
N ILE C 162 -6.36 25.74 13.39
CA ILE C 162 -5.98 25.19 12.09
C ILE C 162 -6.11 26.29 11.04
N VAL C 163 -5.35 26.15 9.96
CA VAL C 163 -5.34 27.11 8.85
C VAL C 163 -5.53 26.32 7.56
N THR C 164 -6.35 26.87 6.65
CA THR C 164 -6.88 26.07 5.56
C THR C 164 -7.05 26.93 4.30
N SER C 165 -6.72 26.36 3.14
CA SER C 165 -6.74 27.06 1.86
C SER C 165 -7.76 26.43 0.92
N SER C 166 -8.27 27.25 0.01
CA SER C 166 -9.38 26.82 -0.83
C SER C 166 -9.19 27.36 -2.25
N GLY C 167 -9.98 26.84 -3.18
CA GLY C 167 -10.09 27.39 -4.51
C GLY C 167 -10.97 28.62 -4.62
N ASP C 168 -11.46 29.10 -3.48
CA ASP C 168 -12.19 30.35 -3.43
C ASP C 168 -11.35 31.52 -3.86
N THR C 169 -10.04 31.32 -3.93
CA THR C 169 -9.03 32.37 -3.93
C THR C 169 -8.83 32.97 -2.54
N THR C 170 -9.13 32.21 -1.48
CA THR C 170 -8.98 32.71 -0.12
C THR C 170 -8.37 31.64 0.78
N CYS C 171 -7.77 32.11 1.87
CA CYS C 171 -7.30 31.27 2.96
C CYS C 171 -7.85 31.83 4.27
N ALA C 172 -7.87 30.99 5.31
CA ALA C 172 -8.62 31.29 6.52
C ALA C 172 -7.93 30.68 7.74
N LEU C 173 -8.26 31.22 8.92
CA LEU C 173 -7.87 30.65 10.20
C LEU C 173 -9.10 30.42 11.05
N TRP C 174 -9.14 29.29 11.76
CA TRP C 174 -10.33 28.85 12.47
C TRP C 174 -10.07 28.68 13.96
N ASP C 175 -11.17 28.55 14.71
CA ASP C 175 -11.16 28.26 16.14
C ASP C 175 -11.97 26.99 16.36
N ILE C 176 -11.28 25.90 16.72
CA ILE C 176 -11.92 24.59 16.68
C ILE C 176 -12.97 24.46 17.77
N GLU C 177 -12.78 25.14 18.89
CA GLU C 177 -13.74 25.03 20.00
C GLU C 177 -15.10 25.61 19.61
N THR C 178 -15.12 26.81 19.05
CA THR C 178 -16.37 27.43 18.63
C THR C 178 -16.77 27.01 17.21
N GLY C 179 -15.93 27.33 16.23
CA GLY C 179 -16.18 26.90 14.88
C GLY C 179 -16.32 28.03 13.88
N GLN C 180 -15.67 29.15 14.14
CA GLN C 180 -15.76 30.33 13.31
C GLN C 180 -14.39 30.72 12.78
N GLN C 181 -14.38 31.39 11.64
CA GLN C 181 -13.14 31.96 11.15
C GLN C 181 -12.80 33.19 11.97
N THR C 182 -11.59 33.21 12.53
CA THR C 182 -11.11 34.38 13.24
C THR C 182 -10.29 35.30 12.36
N THR C 183 -9.92 34.86 11.17
CA THR C 183 -9.21 35.67 10.20
C THR C 183 -9.48 35.13 8.81
N THR C 184 -9.43 36.00 7.81
CA THR C 184 -9.49 35.60 6.42
C THR C 184 -8.44 36.38 5.67
N PHE C 185 -7.95 35.80 4.57
CA PHE C 185 -6.83 36.34 3.81
C PHE C 185 -7.25 36.36 2.34
N THR C 186 -7.53 37.54 1.81
CA THR C 186 -7.99 37.70 0.45
C THR C 186 -6.94 38.44 -0.37
N GLY C 187 -6.98 38.24 -1.68
CA GLY C 187 -6.07 38.95 -2.55
C GLY C 187 -5.58 38.23 -3.78
N HIS C 188 -5.57 36.90 -3.78
CA HIS C 188 -5.18 36.17 -4.98
C HIS C 188 -6.22 36.39 -6.08
N THR C 189 -5.99 35.77 -7.23
CA THR C 189 -6.94 35.83 -8.34
C THR C 189 -7.37 34.46 -8.82
N GLY C 190 -6.46 33.47 -8.84
CA GLY C 190 -6.78 32.11 -9.18
C GLY C 190 -6.84 31.21 -7.96
N ASP C 191 -6.94 29.91 -8.23
CA ASP C 191 -7.16 28.92 -7.19
C ASP C 191 -5.89 28.64 -6.40
N VAL C 192 -5.94 28.91 -5.09
CA VAL C 192 -4.83 28.58 -4.20
C VAL C 192 -4.68 27.08 -4.09
N MET C 193 -3.44 26.59 -4.22
CA MET C 193 -3.19 25.17 -4.37
C MET C 193 -2.35 24.52 -3.27
N SER C 194 -1.63 25.28 -2.45
CA SER C 194 -0.70 24.66 -1.50
C SER C 194 -0.28 25.69 -0.46
N LEU C 195 0.37 25.19 0.60
CA LEU C 195 0.81 26.00 1.72
C LEU C 195 1.70 25.17 2.64
N SER C 196 2.58 25.86 3.37
CA SER C 196 3.50 25.27 4.32
C SER C 196 3.64 26.20 5.52
N LEU C 197 3.71 25.62 6.72
CA LEU C 197 3.92 26.38 7.96
C LEU C 197 5.40 26.54 8.27
N ALA C 198 5.72 27.65 8.90
CA ALA C 198 7.05 27.88 9.43
C ALA C 198 7.24 27.05 10.70
N PRO C 199 8.49 26.78 11.09
CA PRO C 199 8.72 26.08 12.36
C PRO C 199 8.14 26.78 13.58
N ASP C 200 8.14 28.11 13.62
CA ASP C 200 7.60 28.81 14.78
C ASP C 200 6.09 29.05 14.69
N THR C 201 5.46 28.61 13.61
CA THR C 201 4.00 28.73 13.40
C THR C 201 3.53 30.18 13.54
N ARG C 202 4.29 31.12 12.96
CA ARG C 202 3.92 32.52 12.96
C ARG C 202 3.71 33.10 11.56
N LEU C 203 4.06 32.37 10.50
CA LEU C 203 3.94 32.83 9.13
C LEU C 203 3.43 31.66 8.29
N PHE C 204 3.18 31.90 7.00
CA PHE C 204 2.93 30.81 6.06
C PHE C 204 3.03 31.34 4.63
N VAL C 205 3.07 30.42 3.67
CA VAL C 205 3.24 30.67 2.25
C VAL C 205 2.15 29.88 1.53
N SER C 206 1.82 30.32 0.30
CA SER C 206 0.73 29.72 -0.45
C SER C 206 0.83 30.07 -1.94
N GLY C 207 0.72 29.04 -2.80
CA GLY C 207 0.84 29.21 -4.24
C GLY C 207 -0.47 28.91 -4.93
N ALA C 208 -0.69 29.52 -6.10
CA ALA C 208 -2.01 29.48 -6.73
C ALA C 208 -1.92 29.33 -8.24
N CYS C 209 -3.09 29.26 -8.87
CA CYS C 209 -3.21 29.13 -10.33
C CYS C 209 -2.77 30.35 -11.12
N ASP C 210 -2.87 31.52 -10.52
CA ASP C 210 -2.48 32.74 -11.24
C ASP C 210 -0.97 32.90 -11.37
N ALA C 211 -0.20 31.87 -11.03
CA ALA C 211 1.25 31.73 -11.21
C ALA C 211 2.07 32.46 -10.18
N SER C 212 1.46 33.12 -9.20
CA SER C 212 2.16 33.91 -8.21
C SER C 212 2.19 33.19 -6.87
N ALA C 213 2.85 33.81 -5.90
CA ALA C 213 2.81 33.39 -4.51
C ALA C 213 2.72 34.63 -3.64
N LYS C 214 2.33 34.42 -2.37
CA LYS C 214 2.27 35.50 -1.39
C LYS C 214 2.64 34.97 -0.01
N LEU C 215 3.31 35.80 0.78
CA LEU C 215 3.70 35.45 2.15
C LEU C 215 2.75 36.15 3.12
N TRP C 216 2.28 35.40 4.12
CA TRP C 216 1.25 35.89 5.02
C TRP C 216 1.68 35.77 6.47
N ASP C 217 1.16 36.67 7.30
CA ASP C 217 1.37 36.65 8.74
C ASP C 217 0.07 36.35 9.47
N VAL C 218 0.09 35.35 10.33
CA VAL C 218 -1.12 34.88 11.00
C VAL C 218 -1.66 35.96 11.94
N ARG C 219 -0.77 36.57 12.72
CA ARG C 219 -1.22 37.44 13.81
C ARG C 219 -1.92 38.68 13.28
N GLU C 220 -1.29 39.40 12.35
CA GLU C 220 -1.88 40.64 11.86
C GLU C 220 -2.90 40.37 10.76
N GLY C 221 -2.47 39.76 9.65
CA GLY C 221 -3.42 39.27 8.66
C GLY C 221 -3.47 40.01 7.34
N MET C 222 -2.35 40.52 6.86
CA MET C 222 -2.29 41.15 5.55
C MET C 222 -1.11 40.60 4.75
N CYS C 223 -1.23 40.71 3.43
CA CYS C 223 -0.19 40.25 2.53
C CYS C 223 1.11 40.98 2.80
N ARG C 224 2.20 40.23 2.94
CA ARG C 224 3.50 40.84 3.19
C ARG C 224 4.34 40.93 1.94
N GLN C 225 4.61 39.79 1.29
CA GLN C 225 5.49 39.74 0.14
C GLN C 225 4.83 38.90 -0.95
N THR C 226 5.31 39.05 -2.18
CA THR C 226 4.84 38.23 -3.28
C THR C 226 6.03 37.81 -4.14
N PHE C 227 5.79 36.88 -5.07
CA PHE C 227 6.87 36.18 -5.74
C PHE C 227 6.41 35.79 -7.13
N THR C 228 7.10 36.25 -8.16
CA THR C 228 6.86 35.81 -9.52
C THR C 228 8.09 35.04 -10.02
N GLY C 229 7.94 34.39 -11.17
CA GLY C 229 9.07 33.67 -11.74
C GLY C 229 8.73 32.37 -12.46
N HIS C 230 7.52 31.87 -12.29
CA HIS C 230 7.06 30.70 -13.02
C HIS C 230 6.20 31.14 -14.19
N GLU C 231 5.73 30.16 -14.96
CA GLU C 231 4.91 30.44 -16.13
C GLU C 231 3.55 29.79 -16.14
N SER C 232 3.39 28.59 -15.57
CA SER C 232 2.11 27.96 -15.37
C SER C 232 1.82 27.89 -13.88
N ASP C 233 0.75 27.18 -13.54
CA ASP C 233 0.28 27.18 -12.17
C ASP C 233 1.22 26.39 -11.26
N ILE C 234 1.07 26.63 -9.96
CA ILE C 234 1.96 26.11 -8.93
C ILE C 234 1.27 24.95 -8.23
N ASN C 235 1.96 23.82 -8.12
CA ASN C 235 1.40 22.57 -7.62
C ASN C 235 1.86 22.19 -6.22
N ALA C 236 3.08 22.56 -5.84
CA ALA C 236 3.67 22.09 -4.61
C ALA C 236 4.54 23.19 -4.03
N ILE C 237 4.60 23.24 -2.71
CA ILE C 237 5.39 24.25 -2.02
C ILE C 237 5.79 23.69 -0.66
N CYS C 238 7.06 23.79 -0.33
CA CYS C 238 7.52 23.38 0.99
C CYS C 238 8.41 24.47 1.55
N PHE C 239 9.03 24.20 2.69
CA PHE C 239 9.63 25.29 3.45
C PHE C 239 10.93 24.75 4.02
N PHE C 240 12.01 25.53 3.93
CA PHE C 240 13.37 25.14 4.29
C PHE C 240 13.61 25.29 5.79
N PRO C 241 14.57 24.55 6.35
CA PRO C 241 14.76 24.56 7.81
C PRO C 241 15.07 25.91 8.44
N ASN C 242 15.69 26.86 7.75
CA ASN C 242 16.04 28.14 8.39
C ASN C 242 14.81 28.85 8.93
N GLY C 243 13.73 28.86 8.15
CA GLY C 243 12.66 29.81 8.32
C GLY C 243 12.70 30.96 7.35
N ASN C 244 13.65 30.97 6.42
CA ASN C 244 13.81 32.05 5.46
C ASN C 244 13.55 31.64 4.01
N ALA C 245 13.33 30.35 3.72
CA ALA C 245 13.27 29.87 2.36
C ALA C 245 12.06 28.97 2.15
N PHE C 246 11.72 28.76 0.89
CA PHE C 246 10.62 27.90 0.48
C PHE C 246 10.78 27.58 -1.00
N ALA C 247 10.50 26.33 -1.37
CA ALA C 247 10.76 25.81 -2.70
C ALA C 247 9.47 25.48 -3.41
N THR C 248 9.37 25.90 -4.66
CA THR C 248 8.19 25.64 -5.48
C THR C 248 8.47 24.49 -6.44
N GLY C 249 7.40 23.93 -6.98
CA GLY C 249 7.48 22.96 -8.05
C GLY C 249 6.26 23.06 -8.92
N SER C 250 6.43 23.34 -10.21
CA SER C 250 5.33 23.79 -11.07
C SER C 250 5.14 22.88 -12.27
N ASP C 251 4.20 23.28 -13.13
CA ASP C 251 3.79 22.48 -14.28
C ASP C 251 4.57 22.78 -15.54
N ASP C 252 5.40 23.81 -15.54
CA ASP C 252 6.39 24.06 -16.59
C ASP C 252 7.65 23.23 -16.42
N ALA C 253 7.59 22.17 -15.60
CA ALA C 253 8.69 21.24 -15.40
C ALA C 253 9.87 21.90 -14.69
N THR C 254 9.60 22.56 -13.58
CA THR C 254 10.66 23.27 -12.87
C THR C 254 10.36 23.36 -11.38
N CYS C 255 11.44 23.43 -10.59
CA CYS C 255 11.35 23.76 -9.18
C CYS C 255 12.33 24.91 -8.94
N ARG C 256 12.05 25.74 -7.95
CA ARG C 256 12.87 26.94 -7.73
C ARG C 256 13.08 27.21 -6.24
N LEU C 257 14.18 27.89 -5.93
CA LEU C 257 14.62 28.20 -4.58
C LEU C 257 14.73 29.70 -4.39
N PHE C 258 14.90 30.11 -3.15
CA PHE C 258 14.60 31.49 -2.81
C PHE C 258 15.11 31.81 -1.40
N ASP C 259 15.14 33.10 -1.05
CA ASP C 259 15.41 33.63 0.28
C ASP C 259 14.54 34.87 0.50
N LEU C 260 13.82 34.92 1.63
CA LEU C 260 12.80 35.96 1.82
C LEU C 260 13.42 37.34 2.00
N ARG C 261 14.54 37.41 2.72
CA ARG C 261 15.13 38.71 3.04
C ARG C 261 15.69 39.41 1.80
N ALA C 262 16.05 38.65 0.76
CA ALA C 262 16.57 39.21 -0.47
C ALA C 262 15.54 39.28 -1.58
N ASP C 263 14.30 38.82 -1.31
CA ASP C 263 13.13 38.95 -2.16
C ASP C 263 13.39 38.82 -3.67
N GLN C 264 14.19 37.83 -4.05
CA GLN C 264 14.39 37.52 -5.46
C GLN C 264 14.72 36.04 -5.59
N GLU C 265 14.31 35.45 -6.71
CA GLU C 265 14.58 34.05 -6.97
C GLU C 265 16.08 33.82 -7.13
N LEU C 266 16.53 32.65 -6.70
CA LEU C 266 17.95 32.31 -6.75
C LEU C 266 18.27 31.21 -7.76
N MET C 267 17.65 30.04 -7.66
CA MET C 267 18.11 28.90 -8.43
C MET C 267 16.96 27.98 -8.83
N THR C 268 17.11 27.35 -10.00
CA THR C 268 16.14 26.45 -10.59
C THR C 268 16.61 25.00 -10.47
N TYR C 269 15.73 24.08 -10.85
CA TYR C 269 16.04 22.64 -10.87
C TYR C 269 15.26 22.02 -12.03
N SER C 270 15.94 21.88 -13.18
CA SER C 270 15.31 21.38 -14.40
C SER C 270 16.30 20.54 -15.19
N HIS C 271 15.75 19.73 -16.10
CA HIS C 271 16.56 18.91 -17.00
C HIS C 271 15.72 18.57 -18.23
N ASP C 272 16.33 18.69 -19.41
CA ASP C 272 15.58 18.53 -20.65
C ASP C 272 14.95 17.15 -20.77
N ASN C 273 15.59 16.12 -20.21
CA ASN C 273 15.03 14.77 -20.29
C ASN C 273 13.71 14.66 -19.53
N ILE C 274 13.41 15.60 -18.64
CA ILE C 274 12.13 15.64 -17.94
C ILE C 274 11.31 16.78 -18.55
N ILE C 275 10.14 16.42 -19.09
CA ILE C 275 9.26 17.38 -19.75
C ILE C 275 7.86 17.23 -19.18
N CYS C 276 7.78 16.79 -17.92
CA CYS C 276 6.53 16.55 -17.22
C CYS C 276 6.39 17.56 -16.08
N GLY C 277 5.35 17.39 -15.27
CA GLY C 277 5.12 18.28 -14.15
C GLY C 277 5.47 17.67 -12.81
N ILE C 278 5.85 18.53 -11.88
CA ILE C 278 6.20 18.13 -10.52
C ILE C 278 4.94 18.02 -9.69
N THR C 279 4.76 16.90 -9.02
CA THR C 279 3.59 16.73 -8.16
C THR C 279 3.86 17.04 -6.70
N SER C 280 5.09 16.88 -6.21
CA SER C 280 5.36 17.07 -4.80
C SER C 280 6.83 17.40 -4.62
N VAL C 281 7.15 18.03 -3.49
CA VAL C 281 8.52 18.38 -3.11
C VAL C 281 8.69 18.07 -1.63
N SER C 282 9.93 18.15 -1.15
CA SER C 282 10.23 18.11 0.29
C SER C 282 11.72 18.31 0.54
N PHE C 283 12.10 18.80 1.71
CA PHE C 283 13.50 19.02 2.04
C PHE C 283 14.04 17.93 2.96
N SER C 284 15.31 18.08 3.33
CA SER C 284 15.99 17.26 4.31
C SER C 284 16.62 18.16 5.36
N LYS C 285 17.01 17.57 6.51
CA LYS C 285 17.42 18.35 7.66
C LYS C 285 18.45 19.41 7.32
N SER C 286 19.59 19.01 6.80
CA SER C 286 20.63 19.98 6.48
C SER C 286 20.24 20.89 5.33
N GLY C 287 19.13 20.61 4.64
CA GLY C 287 18.86 21.26 3.38
C GLY C 287 19.83 20.82 2.32
N ARG C 288 20.17 19.54 2.31
CA ARG C 288 21.08 18.97 1.33
C ARG C 288 20.40 17.91 0.47
N LEU C 289 19.10 17.70 0.62
CA LEU C 289 18.44 16.67 -0.19
C LEU C 289 17.02 17.13 -0.48
N LEU C 290 16.85 17.81 -1.61
CA LEU C 290 15.52 18.11 -2.13
C LEU C 290 14.99 16.86 -2.82
N LEU C 291 13.76 16.50 -2.53
CA LEU C 291 13.19 15.27 -3.06
C LEU C 291 11.92 15.65 -3.80
N ALA C 292 11.83 15.30 -5.08
CA ALA C 292 10.72 15.76 -5.92
C ALA C 292 10.13 14.59 -6.70
N GLY C 293 8.83 14.39 -6.58
CA GLY C 293 8.13 13.43 -7.41
C GLY C 293 7.73 14.02 -8.75
N TYR C 294 7.44 13.14 -9.70
CA TYR C 294 7.23 13.53 -11.09
C TYR C 294 6.11 12.72 -11.73
N ASP C 295 5.58 13.26 -12.82
CA ASP C 295 4.60 12.52 -13.63
C ASP C 295 5.22 11.26 -14.23
N ASP C 296 6.50 11.32 -14.57
CA ASP C 296 7.15 10.21 -15.23
C ASP C 296 7.55 9.07 -14.30
N PHE C 297 6.68 8.78 -13.33
CA PHE C 297 6.68 7.52 -12.60
C PHE C 297 7.78 7.36 -11.55
N ASN C 298 8.77 8.24 -11.53
CA ASN C 298 9.90 8.01 -10.65
C ASN C 298 10.19 9.27 -9.84
N CYS C 299 10.63 9.05 -8.62
CA CYS C 299 10.91 10.14 -7.69
C CYS C 299 12.39 10.46 -7.76
N ASN C 300 12.71 11.69 -8.09
CA ASN C 300 14.12 12.04 -8.16
C ASN C 300 14.62 12.42 -6.79
N VAL C 301 15.92 12.64 -6.69
CA VAL C 301 16.54 13.14 -5.47
C VAL C 301 17.52 14.20 -5.92
N TRP C 302 17.22 15.44 -5.62
CA TRP C 302 18.04 16.54 -6.10
C TRP C 302 18.97 16.95 -4.99
N ASP C 303 20.11 17.50 -5.35
CA ASP C 303 20.90 18.26 -4.41
C ASP C 303 20.23 19.62 -4.20
N ALA C 304 20.93 20.52 -3.53
CA ALA C 304 20.37 21.81 -3.19
C ALA C 304 21.19 22.99 -3.66
N LEU C 305 22.49 22.94 -3.52
CA LEU C 305 23.36 24.08 -3.77
C LEU C 305 24.07 24.00 -5.11
N LYS C 306 24.48 22.80 -5.52
CA LYS C 306 25.18 22.61 -6.78
C LYS C 306 24.22 22.33 -7.93
N ALA C 307 22.91 22.42 -7.70
CA ALA C 307 21.90 22.60 -8.73
C ALA C 307 21.75 21.42 -9.67
N ASP C 308 22.66 20.45 -9.61
CA ASP C 308 22.75 19.40 -10.62
C ASP C 308 22.84 17.95 -10.14
N ARG C 309 21.69 17.32 -9.88
CA ARG C 309 21.68 15.86 -9.84
C ARG C 309 20.24 15.39 -9.66
N ALA C 310 20.00 14.13 -10.05
CA ALA C 310 18.70 13.50 -9.77
C ALA C 310 18.94 12.00 -9.49
N GLY C 311 19.13 11.66 -8.22
CA GLY C 311 19.42 10.30 -7.77
C GLY C 311 18.19 9.44 -7.58
N VAL C 312 17.66 8.91 -8.69
CA VAL C 312 16.30 8.39 -8.72
C VAL C 312 16.07 7.51 -7.51
N LEU C 313 14.82 7.48 -7.05
CA LEU C 313 14.26 6.47 -6.17
C LEU C 313 13.23 5.66 -6.94
N ALA C 314 13.71 4.80 -7.82
CA ALA C 314 12.86 4.12 -8.80
C ALA C 314 12.42 2.82 -8.15
N GLY C 315 11.15 2.72 -7.79
CA GLY C 315 10.55 1.42 -7.57
C GLY C 315 9.11 1.32 -8.00
N HIS C 316 8.44 2.46 -8.14
CA HIS C 316 6.99 2.53 -8.29
C HIS C 316 6.63 2.36 -9.77
N ASP C 317 5.45 1.80 -10.01
CA ASP C 317 4.99 1.50 -11.35
C ASP C 317 3.96 2.48 -11.89
N ASN C 318 3.81 3.64 -11.26
CA ASN C 318 2.87 4.66 -11.67
C ASN C 318 3.35 6.00 -11.13
N ARG C 319 2.47 7.00 -11.11
CA ARG C 319 2.84 8.36 -10.71
C ARG C 319 2.99 8.46 -9.18
N VAL C 320 3.94 9.28 -8.76
CA VAL C 320 4.17 9.61 -7.35
C VAL C 320 3.40 10.87 -7.00
N SER C 321 2.65 10.83 -5.90
CA SER C 321 1.82 11.93 -5.42
C SER C 321 2.41 12.74 -4.28
N CYS C 322 3.19 12.11 -3.41
CA CYS C 322 3.47 12.68 -2.10
C CYS C 322 4.69 12.02 -1.47
N LEU C 323 5.50 12.82 -0.78
CA LEU C 323 6.67 12.29 -0.08
C LEU C 323 7.08 13.23 1.05
N GLY C 324 7.65 12.65 2.12
CA GLY C 324 8.02 13.42 3.30
C GLY C 324 9.05 12.71 4.16
N VAL C 325 9.83 13.50 4.89
CA VAL C 325 10.97 13.07 5.69
C VAL C 325 10.66 13.35 7.17
N THR C 326 11.26 12.56 8.06
CA THR C 326 10.95 12.59 9.48
C THR C 326 11.62 13.77 10.17
N ASP C 327 11.42 13.87 11.49
CA ASP C 327 12.14 14.86 12.31
C ASP C 327 13.55 14.41 12.68
N ASP C 328 13.71 13.16 13.09
CA ASP C 328 15.05 12.63 13.27
C ASP C 328 15.78 12.45 11.94
N GLY C 329 15.06 12.51 10.83
CA GLY C 329 15.69 12.58 9.53
C GLY C 329 16.15 11.29 8.93
N MET C 330 15.75 10.15 9.48
CA MET C 330 16.30 8.85 9.11
C MET C 330 15.44 8.06 8.15
N ALA C 331 14.35 8.61 7.63
CA ALA C 331 13.52 7.83 6.73
C ALA C 331 12.79 8.75 5.75
N VAL C 332 12.32 8.15 4.67
CA VAL C 332 11.51 8.81 3.65
C VAL C 332 10.39 7.86 3.26
N ALA C 333 9.19 8.39 3.06
CA ALA C 333 8.09 7.63 2.52
C ALA C 333 7.60 8.28 1.24
N THR C 334 7.03 7.47 0.35
CA THR C 334 6.37 7.93 -0.88
C THR C 334 5.11 7.13 -1.11
N GLY C 335 4.03 7.83 -1.45
CA GLY C 335 2.82 7.21 -1.93
C GLY C 335 2.65 7.45 -3.41
N SER C 336 1.77 6.71 -4.06
CA SER C 336 1.74 6.72 -5.51
C SER C 336 0.35 6.35 -6.01
N TRP C 337 0.13 6.61 -7.30
CA TRP C 337 -1.10 6.20 -7.99
C TRP C 337 -1.24 4.70 -8.12
N ASP C 338 -0.17 3.93 -7.87
CA ASP C 338 -0.22 2.47 -7.90
C ASP C 338 -0.69 1.86 -6.59
N SER C 339 -1.00 2.68 -5.57
CA SER C 339 -1.58 2.28 -4.30
C SER C 339 -0.62 1.65 -3.31
N PHE C 340 0.65 2.05 -3.31
CA PHE C 340 1.60 1.53 -2.36
C PHE C 340 2.34 2.66 -1.67
N LEU C 341 2.75 2.39 -0.43
CA LEU C 341 3.63 3.24 0.35
C LEU C 341 4.94 2.50 0.55
N LYS C 342 6.04 3.24 0.59
CA LYS C 342 7.37 2.64 0.68
C LYS C 342 8.28 3.45 1.57
N ILE C 343 9.02 2.77 2.45
CA ILE C 343 9.95 3.42 3.37
C ILE C 343 11.35 3.26 2.82
N TRP C 344 12.18 4.28 2.98
CA TRP C 344 13.51 4.32 2.38
C TRP C 344 14.61 4.87 3.26
N ASN C 345 15.72 4.14 3.32
CA ASN C 345 16.98 4.74 3.77
C ASN C 345 18.08 3.79 3.40
N ALA D 7 -17.13 51.25 -8.71
CA ALA D 7 -16.87 49.83 -8.80
C ALA D 7 -15.37 49.53 -8.74
N SER D 8 -14.68 49.74 -9.87
CA SER D 8 -13.26 49.43 -9.96
C SER D 8 -12.39 50.41 -9.17
N ILE D 9 -12.96 51.49 -8.67
CA ILE D 9 -12.18 52.47 -7.90
C ILE D 9 -11.62 51.82 -6.64
N ALA D 10 -12.48 51.08 -5.92
CA ALA D 10 -12.03 50.40 -4.71
C ALA D 10 -10.98 49.35 -5.02
N GLN D 11 -11.16 48.60 -6.11
CA GLN D 11 -10.18 47.59 -6.50
C GLN D 11 -8.82 48.21 -6.78
N ALA D 12 -8.82 49.29 -7.58
CA ALA D 12 -7.56 49.97 -7.91
C ALA D 12 -6.90 50.55 -6.65
N ARG D 13 -7.71 51.13 -5.76
CA ARG D 13 -7.15 51.69 -4.53
C ARG D 13 -6.51 50.61 -3.67
N LYS D 14 -7.19 49.46 -3.53
CA LYS D 14 -6.63 48.36 -2.76
C LYS D 14 -5.34 47.86 -3.38
N LEU D 15 -5.31 47.73 -4.71
CA LEU D 15 -4.08 47.29 -5.37
C LEU D 15 -2.94 48.28 -5.12
N VAL D 16 -3.22 49.58 -5.23
CA VAL D 16 -2.18 50.59 -5.03
C VAL D 16 -1.65 50.54 -3.59
N GLU D 17 -2.55 50.43 -2.61
CA GLU D 17 -2.12 50.38 -1.22
C GLU D 17 -1.30 49.13 -0.94
N GLN D 18 -1.71 47.98 -1.50
CA GLN D 18 -0.95 46.75 -1.28
C GLN D 18 0.44 46.84 -1.89
N LEU D 19 0.55 47.40 -3.11
CA LEU D 19 1.86 47.57 -3.71
C LEU D 19 2.72 48.54 -2.91
N LYS D 20 2.10 49.62 -2.41
CA LYS D 20 2.85 50.58 -1.60
C LYS D 20 3.37 49.93 -0.32
N MET D 21 2.56 49.07 0.30
CA MET D 21 3.04 48.33 1.46
C MET D 21 4.19 47.41 1.09
N GLU D 22 4.10 46.72 -0.04
CA GLU D 22 5.22 45.87 -0.46
C GLU D 22 6.44 46.66 -0.88
N ALA D 23 6.32 47.97 -1.12
CA ALA D 23 7.45 48.74 -1.62
C ALA D 23 8.59 48.75 -0.62
N ASN D 24 8.30 48.95 0.66
CA ASN D 24 9.35 49.09 1.67
C ASN D 24 9.82 47.73 2.15
N ILE D 25 11.13 47.52 2.14
CA ILE D 25 11.76 46.34 2.72
C ILE D 25 13.22 46.65 2.96
N ASP D 26 13.72 46.23 4.13
CA ASP D 26 15.13 46.37 4.46
C ASP D 26 15.88 45.19 3.86
N ARG D 27 16.37 45.36 2.65
CA ARG D 27 16.96 44.26 1.88
C ARG D 27 18.38 43.95 2.37
N ILE D 28 18.95 42.90 1.79
CA ILE D 28 20.32 42.48 2.04
C ILE D 28 20.96 42.16 0.70
N LYS D 29 22.21 41.69 0.75
CA LYS D 29 22.96 41.35 -0.45
C LYS D 29 23.06 39.84 -0.61
N VAL D 30 23.02 39.39 -1.86
CA VAL D 30 22.86 37.97 -2.16
C VAL D 30 23.99 37.15 -1.57
N SER D 31 25.21 37.69 -1.56
CA SER D 31 26.33 36.96 -1.00
C SER D 31 26.12 36.65 0.47
N LYS D 32 25.48 37.56 1.20
CA LYS D 32 25.13 37.28 2.60
C LYS D 32 24.17 36.10 2.70
N ALA D 33 23.17 36.05 1.81
CA ALA D 33 22.24 34.93 1.80
C ALA D 33 22.98 33.62 1.50
N ALA D 34 23.88 33.65 0.53
CA ALA D 34 24.63 32.45 0.18
C ALA D 34 25.48 31.97 1.35
N ALA D 35 26.13 32.90 2.04
CA ALA D 35 26.93 32.53 3.20
C ALA D 35 26.06 31.93 4.29
N ASP D 36 24.87 32.48 4.51
CA ASP D 36 23.99 31.96 5.54
C ASP D 36 23.49 30.56 5.21
N LEU D 37 23.11 30.30 3.96
CA LEU D 37 22.65 28.98 3.59
C LEU D 37 23.79 27.96 3.66
N MET D 38 24.97 28.33 3.14
CA MET D 38 26.11 27.42 3.21
C MET D 38 26.51 27.16 4.66
N ALA D 39 26.31 28.14 5.54
CA ALA D 39 26.59 27.93 6.95
C ALA D 39 25.61 26.94 7.57
N TYR D 40 24.31 27.13 7.33
CA TYR D 40 23.33 26.23 7.91
C TYR D 40 23.53 24.81 7.39
N CYS D 41 24.11 24.68 6.19
CA CYS D 41 24.36 23.34 5.68
C CYS D 41 25.61 22.72 6.29
N GLU D 42 26.75 23.41 6.22
CA GLU D 42 27.97 22.83 6.77
C GLU D 42 27.95 22.72 8.28
N ALA D 43 26.98 23.33 8.95
CA ALA D 43 26.95 23.31 10.40
C ALA D 43 26.29 22.05 10.97
N HIS D 44 25.08 21.72 10.51
CA HIS D 44 24.28 20.64 11.10
C HIS D 44 24.30 19.38 10.25
N ALA D 45 25.46 19.03 9.69
CA ALA D 45 25.52 17.91 8.75
C ALA D 45 25.28 16.57 9.43
N LYS D 46 25.98 16.30 10.53
CA LYS D 46 26.13 14.92 11.00
C LYS D 46 24.83 14.25 11.42
N GLU D 47 23.78 15.02 11.74
CA GLU D 47 22.47 14.42 11.99
C GLU D 47 21.62 14.34 10.73
N ASP D 48 22.23 14.31 9.55
CA ASP D 48 21.46 14.15 8.32
C ASP D 48 21.80 12.78 7.75
N PRO D 49 21.18 11.72 8.27
CA PRO D 49 21.60 10.36 7.90
C PRO D 49 21.47 10.03 6.43
N LEU D 50 20.45 10.54 5.76
CA LEU D 50 20.25 10.22 4.35
C LEU D 50 21.37 10.83 3.54
N LEU D 51 22.29 11.50 4.22
CA LEU D 51 23.49 12.05 3.63
C LEU D 51 24.77 11.44 4.19
N THR D 52 24.69 10.75 5.32
CA THR D 52 25.84 10.24 6.04
C THR D 52 25.54 8.84 6.57
N PRO D 53 26.40 7.85 6.28
CA PRO D 53 26.10 6.47 6.68
C PRO D 53 25.97 6.32 8.18
N VAL D 54 25.14 5.36 8.59
CA VAL D 54 24.93 5.04 9.99
C VAL D 54 25.12 3.55 10.17
N PRO D 55 25.87 3.11 11.18
CA PRO D 55 26.12 1.67 11.35
C PRO D 55 24.82 0.88 11.49
N ALA D 56 24.78 -0.29 10.84
CA ALA D 56 23.55 -1.05 10.71
C ALA D 56 23.05 -1.62 12.04
N SER D 57 23.86 -1.57 13.10
CA SER D 57 23.47 -2.13 14.38
C SER D 57 22.57 -1.21 15.19
N GLU D 58 22.47 0.07 14.82
CA GLU D 58 21.70 1.03 15.59
C GLU D 58 20.57 1.66 14.76
N ASN D 59 20.10 0.95 13.72
CA ASN D 59 19.06 1.47 12.85
C ASN D 59 17.71 0.84 13.18
N PRO D 60 16.64 1.64 13.28
CA PRO D 60 15.32 1.06 13.48
C PRO D 60 14.75 0.42 12.23
N PHE D 61 15.43 0.55 11.10
CA PHE D 61 14.99 -0.01 9.83
C PHE D 61 16.12 -0.83 9.25
N ARG D 62 16.66 -1.75 10.05
CA ARG D 62 17.61 -2.77 9.62
C ARG D 62 18.69 -2.26 8.67
N VAL E 1 -17.92 4.38 32.13
CA VAL E 1 -17.87 2.99 31.72
C VAL E 1 -18.13 2.12 32.93
N GLN E 2 -18.77 0.97 32.74
CA GLN E 2 -19.10 0.09 33.85
C GLN E 2 -18.89 -1.37 33.47
N LEU E 3 -18.50 -2.16 34.46
CA LEU E 3 -18.40 -3.60 34.36
C LEU E 3 -19.05 -4.17 35.61
N VAL E 4 -20.22 -4.78 35.46
CA VAL E 4 -20.95 -5.35 36.59
C VAL E 4 -21.01 -6.86 36.38
N GLU E 5 -20.50 -7.60 37.36
CA GLU E 5 -20.48 -9.06 37.28
C GLU E 5 -21.16 -9.67 38.49
N SER E 6 -21.72 -10.87 38.29
CA SER E 6 -22.51 -11.55 39.29
C SER E 6 -22.31 -13.05 39.16
N GLY E 7 -23.02 -13.80 39.99
CA GLY E 7 -23.02 -15.26 39.89
C GLY E 7 -22.35 -15.94 41.07
N GLY E 8 -22.28 -15.25 42.21
CA GLY E 8 -21.56 -15.76 43.35
C GLY E 8 -22.46 -16.45 44.36
N GLY E 9 -21.82 -16.98 45.40
CA GLY E 9 -22.50 -17.69 46.46
C GLY E 9 -21.58 -18.73 47.06
N LEU E 10 -22.20 -19.80 47.57
CA LEU E 10 -21.48 -20.91 48.15
C LEU E 10 -21.99 -22.23 47.58
N VAL E 11 -21.11 -23.22 47.51
CA VAL E 11 -21.43 -24.53 46.94
C VAL E 11 -20.90 -25.63 47.84
N GLN E 12 -21.49 -26.81 47.68
CA GLN E 12 -20.97 -28.01 48.31
C GLN E 12 -19.70 -28.48 47.60
N PRO E 13 -18.90 -29.34 48.23
CA PRO E 13 -17.72 -29.90 47.55
C PRO E 13 -18.07 -30.57 46.23
N GLY E 14 -17.06 -30.83 45.40
CA GLY E 14 -17.31 -31.23 44.04
C GLY E 14 -18.02 -30.04 43.44
N GLY E 15 -19.22 -30.24 42.91
CA GLY E 15 -20.04 -29.15 42.41
C GLY E 15 -19.50 -28.40 41.20
N SER E 16 -20.18 -27.28 40.92
CA SER E 16 -19.84 -26.42 39.80
C SER E 16 -20.50 -25.06 40.01
N ARG E 17 -20.11 -24.10 39.19
CA ARG E 17 -20.71 -22.76 39.17
C ARG E 17 -20.21 -22.01 37.94
N LYS E 18 -21.06 -21.12 37.44
CA LYS E 18 -20.75 -20.26 36.32
C LYS E 18 -20.81 -18.80 36.77
N LEU E 19 -19.97 -17.97 36.14
CA LEU E 19 -19.96 -16.54 36.42
C LEU E 19 -20.06 -15.77 35.11
N SER E 20 -20.50 -14.52 35.22
CA SER E 20 -20.76 -13.67 34.06
C SER E 20 -20.39 -12.24 34.40
N CYS E 21 -20.16 -11.44 33.36
CA CYS E 21 -19.85 -10.02 33.50
C CYS E 21 -20.52 -9.23 32.38
N SER E 22 -21.16 -8.11 32.72
CA SER E 22 -21.92 -7.32 31.78
C SER E 22 -21.29 -5.95 31.60
N ALA E 23 -21.00 -5.60 30.35
CA ALA E 23 -20.33 -4.35 30.01
C ALA E 23 -21.25 -3.35 29.32
N SER E 24 -21.03 -2.07 29.61
CA SER E 24 -21.82 -0.99 29.02
C SER E 24 -20.97 0.27 29.10
N GLY E 25 -20.87 1.00 27.99
CA GLY E 25 -20.24 2.31 27.99
C GLY E 25 -19.03 2.42 27.10
N PHE E 26 -18.58 1.36 26.45
CA PHE E 26 -17.41 1.41 25.59
C PHE E 26 -17.58 0.39 24.48
N ALA E 27 -16.55 0.24 23.66
CA ALA E 27 -16.57 -0.65 22.50
C ALA E 27 -15.99 -2.01 22.91
N PHE E 28 -16.87 -2.90 23.39
CA PHE E 28 -16.44 -4.13 24.05
C PHE E 28 -15.68 -5.07 23.13
N SER E 29 -15.91 -5.00 21.82
CA SER E 29 -15.35 -6.00 20.92
C SER E 29 -13.90 -5.73 20.54
N SER E 30 -13.35 -4.58 20.88
CA SER E 30 -11.96 -4.25 20.58
C SER E 30 -11.04 -4.44 21.77
N PHE E 31 -11.53 -5.00 22.87
CA PHE E 31 -10.72 -5.18 24.06
C PHE E 31 -10.52 -6.67 24.32
N GLY E 32 -9.48 -6.99 25.10
CA GLY E 32 -9.26 -8.33 25.60
C GLY E 32 -9.46 -8.38 27.12
N MET E 33 -9.97 -9.49 27.61
CA MET E 33 -10.42 -9.61 29.00
C MET E 33 -9.57 -10.60 29.79
N HIS E 34 -9.62 -10.44 31.12
CA HIS E 34 -8.90 -11.22 32.11
C HIS E 34 -9.83 -11.50 33.28
N TRP E 35 -9.50 -12.53 34.04
CA TRP E 35 -10.12 -12.81 35.33
C TRP E 35 -9.02 -12.86 36.38
N VAL E 36 -9.20 -12.18 37.51
CA VAL E 36 -8.21 -12.13 38.57
C VAL E 36 -8.89 -12.41 39.91
N ARG E 37 -8.24 -13.19 40.76
CA ARG E 37 -8.80 -13.66 42.03
C ARG E 37 -7.99 -13.15 43.22
N GLN E 38 -8.61 -13.23 44.41
CA GLN E 38 -7.98 -12.77 45.64
C GLN E 38 -8.55 -13.54 46.82
N ALA E 39 -7.69 -14.30 47.51
CA ALA E 39 -8.11 -15.04 48.69
C ALA E 39 -8.50 -14.07 49.81
N PRO E 40 -9.24 -14.55 50.81
CA PRO E 40 -9.77 -13.63 51.83
C PRO E 40 -8.71 -12.90 52.66
N GLU E 41 -7.45 -13.32 52.63
CA GLU E 41 -6.41 -12.60 53.35
C GLU E 41 -5.11 -12.45 52.59
N LYS E 42 -4.92 -13.12 51.46
CA LYS E 42 -3.65 -13.13 50.74
C LYS E 42 -3.68 -12.03 49.68
N GLY E 43 -2.76 -12.11 48.70
CA GLY E 43 -2.67 -11.13 47.65
C GLY E 43 -3.56 -11.44 46.46
N LEU E 44 -3.22 -10.85 45.32
CA LEU E 44 -3.95 -11.06 44.09
C LEU E 44 -3.35 -12.23 43.30
N GLU E 45 -4.16 -12.83 42.43
CA GLU E 45 -3.69 -13.97 41.65
C GLU E 45 -4.49 -14.09 40.37
N TRP E 46 -3.80 -14.24 39.24
CA TRP E 46 -4.37 -14.24 37.89
C TRP E 46 -4.99 -15.60 37.57
N VAL E 47 -5.94 -15.61 36.62
CA VAL E 47 -6.68 -16.83 36.31
C VAL E 47 -6.63 -17.25 34.84
N ALA E 48 -6.98 -16.35 33.91
CA ALA E 48 -7.14 -16.76 32.51
C ALA E 48 -7.18 -15.52 31.62
N TYR E 49 -7.26 -15.74 30.30
CA TYR E 49 -7.20 -14.68 29.29
C TYR E 49 -8.02 -15.07 28.05
N ILE E 50 -8.39 -14.07 27.26
CA ILE E 50 -9.01 -14.25 25.94
C ILE E 50 -8.83 -12.96 25.14
N SER E 51 -8.50 -13.10 23.86
CA SER E 51 -8.13 -11.94 23.06
C SER E 51 -9.35 -11.32 22.35
N SER E 52 -9.13 -10.12 21.79
CA SER E 52 -10.15 -9.45 20.99
C SER E 52 -10.11 -10.01 19.58
N GLY E 53 -11.13 -10.79 19.23
CA GLY E 53 -11.09 -11.65 18.07
C GLY E 53 -11.25 -13.12 18.40
N SER E 54 -11.10 -13.51 19.66
CA SER E 54 -11.25 -14.89 20.12
C SER E 54 -10.25 -15.83 19.45
N GLY E 55 -8.99 -15.43 19.39
CA GLY E 55 -7.98 -16.29 18.80
C GLY E 55 -7.07 -16.98 19.78
N THR E 56 -6.80 -16.35 20.92
CA THR E 56 -5.88 -16.84 21.91
C THR E 56 -6.60 -17.07 23.23
N ILE E 57 -6.20 -18.12 23.95
CA ILE E 57 -6.70 -18.42 25.27
C ILE E 57 -5.54 -18.94 26.11
N TYR E 58 -5.44 -18.48 27.35
CA TYR E 58 -4.42 -18.90 28.29
C TYR E 58 -5.08 -19.32 29.60
N TYR E 59 -4.38 -20.13 30.38
CA TYR E 59 -4.92 -20.63 31.64
C TYR E 59 -3.80 -20.74 32.66
N ALA E 60 -4.17 -20.60 33.92
CA ALA E 60 -3.20 -20.73 35.01
C ALA E 60 -2.88 -22.20 35.25
N ASP E 61 -1.60 -22.47 35.53
CA ASP E 61 -1.16 -23.84 35.73
C ASP E 61 -1.84 -24.53 36.88
N THR E 62 -2.35 -23.77 37.85
CA THR E 62 -2.98 -24.39 39.02
C THR E 62 -4.32 -25.07 38.72
N VAL E 63 -5.12 -24.53 37.80
CA VAL E 63 -6.43 -25.09 37.53
C VAL E 63 -6.69 -25.22 36.03
N LYS E 64 -5.63 -25.18 35.23
CA LYS E 64 -5.77 -25.38 33.79
C LYS E 64 -6.46 -26.71 33.49
N GLY E 65 -7.37 -26.69 32.53
CA GLY E 65 -8.12 -27.87 32.18
C GLY E 65 -9.34 -28.13 33.03
N ARG E 66 -9.61 -27.29 34.02
CA ARG E 66 -10.77 -27.47 34.86
C ARG E 66 -11.58 -26.17 34.96
N PHE E 67 -11.18 -25.12 34.26
CA PHE E 67 -11.97 -23.92 34.08
C PHE E 67 -12.24 -23.73 32.59
N THR E 68 -13.00 -22.69 32.24
CA THR E 68 -13.21 -22.33 30.83
C THR E 68 -13.62 -20.87 30.71
N ILE E 69 -13.11 -20.21 29.68
CA ILE E 69 -13.38 -18.80 29.42
C ILE E 69 -14.02 -18.67 28.04
N SER E 70 -15.02 -17.81 27.92
CA SER E 70 -15.66 -17.54 26.63
C SER E 70 -16.41 -16.22 26.69
N ARG E 71 -16.77 -15.69 25.52
CA ARG E 71 -17.41 -14.39 25.41
C ARG E 71 -18.55 -14.44 24.40
N ASP E 72 -19.27 -13.33 24.30
CA ASP E 72 -20.39 -13.19 23.37
C ASP E 72 -20.44 -11.73 22.93
N ASP E 73 -19.83 -11.44 21.80
CA ASP E 73 -19.60 -10.07 21.34
C ASP E 73 -20.87 -9.27 20.99
N PRO E 74 -21.83 -9.82 20.25
CA PRO E 74 -22.98 -8.99 19.86
C PRO E 74 -23.81 -8.46 21.01
N LYS E 75 -23.76 -9.09 22.19
CA LYS E 75 -24.53 -8.59 23.33
C LYS E 75 -23.67 -8.12 24.50
N ASN E 76 -22.34 -8.15 24.38
CA ASN E 76 -21.44 -7.55 25.37
C ASN E 76 -21.54 -8.22 26.74
N THR E 77 -21.18 -9.50 26.79
CA THR E 77 -21.15 -10.21 28.07
C THR E 77 -20.05 -11.26 28.04
N LEU E 78 -19.44 -11.51 29.20
CA LEU E 78 -18.27 -12.35 29.36
C LEU E 78 -18.56 -13.46 30.37
N PHE E 79 -18.04 -14.67 30.11
CA PHE E 79 -18.32 -15.84 30.94
C PHE E 79 -17.03 -16.50 31.41
N LEU E 80 -17.15 -17.26 32.51
CA LEU E 80 -16.14 -18.20 32.98
C LEU E 80 -16.84 -19.40 33.58
N GLN E 81 -16.52 -20.60 33.08
CA GLN E 81 -17.15 -21.83 33.56
C GLN E 81 -16.14 -22.75 34.23
N MET E 82 -16.47 -23.20 35.44
CA MET E 82 -15.54 -23.91 36.29
C MET E 82 -16.25 -25.04 37.03
N THR E 83 -15.54 -26.16 37.23
CA THR E 83 -16.13 -27.39 37.72
C THR E 83 -15.23 -28.04 38.76
N SER E 84 -15.83 -28.94 39.54
CA SER E 84 -15.11 -29.81 40.49
C SER E 84 -14.40 -28.99 41.56
N LEU E 85 -15.13 -28.07 42.17
CA LEU E 85 -14.51 -27.06 43.01
C LEU E 85 -13.94 -27.65 44.30
N ARG E 86 -12.69 -27.32 44.59
CA ARG E 86 -11.99 -27.79 45.77
C ARG E 86 -12.15 -26.80 46.91
N SER E 87 -11.64 -27.15 48.09
CA SER E 87 -11.77 -26.29 49.27
C SER E 87 -10.88 -25.05 49.20
N GLU E 88 -9.90 -25.04 48.31
CA GLU E 88 -8.99 -23.90 48.21
C GLU E 88 -9.61 -22.71 47.50
N ASP E 89 -10.51 -22.94 46.55
CA ASP E 89 -10.89 -21.94 45.57
C ASP E 89 -11.73 -20.80 46.14
N THR E 90 -11.90 -20.71 47.45
CA THR E 90 -12.69 -19.65 48.06
C THR E 90 -11.93 -18.32 48.00
N ALA E 91 -12.53 -17.32 47.38
CA ALA E 91 -11.88 -16.05 47.10
C ALA E 91 -12.93 -15.08 46.56
N MET E 92 -12.48 -13.92 46.13
CA MET E 92 -13.26 -13.01 45.31
C MET E 92 -12.65 -12.96 43.92
N TYR E 93 -13.49 -12.86 42.90
CA TYR E 93 -13.07 -12.93 41.51
C TYR E 93 -13.44 -11.64 40.79
N TYR E 94 -12.51 -11.11 40.00
CA TYR E 94 -12.69 -9.82 39.34
C TYR E 94 -12.60 -9.97 37.82
N CYS E 95 -13.13 -8.97 37.12
CA CYS E 95 -13.05 -8.87 35.67
C CYS E 95 -12.32 -7.60 35.28
N VAL E 96 -11.33 -7.72 34.39
CA VAL E 96 -10.47 -6.60 34.06
C VAL E 96 -10.47 -6.46 32.55
N ARG E 97 -10.21 -5.23 32.08
CA ARG E 97 -10.37 -4.75 30.73
C ARG E 97 -8.99 -4.43 30.17
N SER E 98 -8.73 -4.74 28.89
CA SER E 98 -7.37 -4.58 28.38
C SER E 98 -7.34 -4.50 26.86
N ILE E 99 -6.44 -3.68 26.31
CA ILE E 99 -6.32 -3.48 24.86
C ILE E 99 -4.86 -3.26 24.52
N TYR E 100 -4.44 -3.78 23.37
CA TYR E 100 -3.02 -3.77 22.98
C TYR E 100 -2.86 -3.27 21.56
N TYR E 101 -2.20 -2.13 21.42
CA TYR E 101 -1.58 -1.66 20.19
C TYR E 101 -0.45 -0.76 20.63
N TYR E 102 0.21 -0.14 19.68
CA TYR E 102 1.39 0.63 20.04
C TYR E 102 1.00 1.84 20.86
N GLY E 103 1.19 1.76 22.18
CA GLY E 103 0.97 2.90 23.07
C GLY E 103 -0.23 2.79 23.98
N SER E 104 -1.02 1.73 23.88
CA SER E 104 -2.19 1.61 24.72
C SER E 104 -1.83 1.39 26.20
N SER E 105 -2.82 1.62 27.05
CA SER E 105 -2.74 1.37 28.48
C SER E 105 -3.57 0.15 28.81
N PRO E 106 -2.97 -0.97 29.19
CA PRO E 106 -3.77 -2.12 29.60
C PRO E 106 -3.97 -2.22 31.10
N PHE E 107 -4.97 -2.99 31.52
CA PHE E 107 -5.34 -3.22 32.92
C PHE E 107 -5.93 -1.98 33.58
N ASP E 108 -6.43 -1.04 32.79
CA ASP E 108 -6.76 0.31 33.25
C ASP E 108 -8.18 0.46 33.79
N PHE E 109 -9.01 -0.57 33.73
CA PHE E 109 -10.31 -0.50 34.38
C PHE E 109 -10.64 -1.85 34.98
N TRP E 110 -10.97 -1.87 36.27
CA TRP E 110 -11.38 -3.07 36.97
C TRP E 110 -12.84 -2.98 37.34
N GLY E 111 -13.46 -4.13 37.59
CA GLY E 111 -14.83 -4.22 38.01
C GLY E 111 -15.02 -4.10 39.51
N GLN E 112 -16.17 -4.58 39.99
CA GLN E 112 -16.51 -4.50 41.40
C GLN E 112 -16.36 -5.82 42.15
N GLY E 113 -16.10 -6.92 41.45
CA GLY E 113 -15.87 -8.19 42.11
C GLY E 113 -17.14 -8.98 42.37
N THR E 114 -16.92 -10.19 42.89
CA THR E 114 -17.96 -11.16 43.21
C THR E 114 -17.36 -12.23 44.10
N THR E 115 -18.07 -12.60 45.15
CA THR E 115 -17.54 -13.49 46.17
C THR E 115 -18.01 -14.92 45.94
N LEU E 116 -17.06 -15.85 45.95
CA LEU E 116 -17.35 -17.28 45.96
C LEU E 116 -16.83 -17.88 47.26
N THR E 117 -17.58 -18.82 47.80
CA THR E 117 -17.20 -19.51 49.03
C THR E 117 -17.36 -21.01 48.84
N VAL E 118 -16.39 -21.78 49.31
CA VAL E 118 -16.44 -23.24 49.26
C VAL E 118 -16.11 -23.78 50.64
N SER E 119 -16.90 -24.72 51.12
CA SER E 119 -16.68 -25.31 52.44
C SER E 119 -15.86 -26.59 52.33
N SER E 136 11.38 -22.55 37.48
CA SER E 136 10.19 -22.47 36.64
C SER E 136 10.01 -21.09 36.05
N ASP E 137 9.11 -20.31 36.64
CA ASP E 137 8.73 -19.00 36.13
C ASP E 137 9.18 -17.90 37.07
N ILE E 138 8.91 -16.67 36.65
CA ILE E 138 9.42 -15.49 37.32
C ILE E 138 8.82 -15.39 38.72
N VAL E 139 9.61 -14.83 39.64
CA VAL E 139 9.23 -14.65 41.03
C VAL E 139 9.31 -13.17 41.34
N MET E 140 8.38 -12.69 42.17
CA MET E 140 8.24 -11.29 42.52
C MET E 140 7.98 -11.23 44.02
N THR E 141 8.82 -10.52 44.77
CA THR E 141 8.75 -10.57 46.23
C THR E 141 8.73 -9.16 46.81
N GLN E 142 7.69 -8.87 47.59
CA GLN E 142 7.53 -7.58 48.25
C GLN E 142 8.55 -7.46 49.38
N ALA E 143 9.05 -6.24 49.59
CA ALA E 143 10.04 -5.99 50.62
C ALA E 143 9.51 -6.24 52.03
N THR E 144 8.55 -5.42 52.47
CA THR E 144 8.10 -5.42 53.86
C THR E 144 6.58 -5.51 53.91
N SER E 145 6.07 -6.33 54.81
CA SER E 145 4.64 -6.59 54.89
C SER E 145 3.83 -5.38 55.33
N SER E 146 4.44 -4.45 56.05
CA SER E 146 3.71 -3.29 56.56
C SER E 146 4.71 -2.23 57.01
N VAL E 147 4.36 -0.96 56.83
CA VAL E 147 5.23 0.15 57.14
C VAL E 147 4.45 1.22 57.89
N PRO E 148 5.00 1.81 58.95
CA PRO E 148 4.30 2.91 59.63
C PRO E 148 4.57 4.25 58.96
N VAL E 149 3.51 5.03 58.78
CA VAL E 149 3.55 6.23 57.96
C VAL E 149 2.97 7.41 58.73
N THR E 150 3.32 8.61 58.29
CA THR E 150 2.86 9.86 58.89
C THR E 150 2.49 10.83 57.77
N PRO E 151 1.38 11.55 57.92
CA PRO E 151 0.95 12.48 56.86
C PRO E 151 2.00 13.52 56.55
N GLY E 152 2.08 13.90 55.27
CA GLY E 152 2.95 14.96 54.81
C GLY E 152 4.37 14.56 54.50
N GLU E 153 4.75 13.32 54.73
CA GLU E 153 6.12 12.85 54.55
C GLU E 153 6.25 12.07 53.25
N SER E 154 7.33 12.30 52.52
CA SER E 154 7.63 11.47 51.36
C SER E 154 7.94 10.04 51.82
N VAL E 155 7.44 9.07 51.06
CA VAL E 155 7.52 7.66 51.41
C VAL E 155 7.80 6.85 50.15
N SER E 156 8.35 5.65 50.33
CA SER E 156 8.76 4.83 49.19
C SER E 156 8.52 3.36 49.49
N ILE E 157 8.13 2.62 48.44
CA ILE E 157 7.82 1.20 48.50
C ILE E 157 8.70 0.49 47.48
N SER E 158 8.92 -0.81 47.67
CA SER E 158 9.79 -1.57 46.79
C SER E 158 9.41 -3.04 46.77
N CYS E 159 9.52 -3.67 45.59
CA CYS E 159 9.47 -5.12 45.45
C CYS E 159 10.58 -5.51 44.48
N ARG E 160 10.77 -6.81 44.24
CA ARG E 160 11.91 -7.23 43.45
C ARG E 160 11.58 -8.45 42.60
N SER E 161 12.43 -8.67 41.59
CA SER E 161 12.27 -9.69 40.57
C SER E 161 13.32 -10.79 40.71
N SER E 162 13.08 -11.89 40.00
CA SER E 162 14.08 -12.95 39.88
C SER E 162 14.89 -12.81 38.59
N LYS E 163 14.22 -12.88 37.44
CA LYS E 163 14.81 -12.62 36.15
C LYS E 163 14.79 -11.11 35.88
N SER E 164 15.42 -10.71 34.78
CA SER E 164 15.29 -9.34 34.32
C SER E 164 14.00 -9.21 33.54
N LEU E 165 13.26 -8.13 33.77
CA LEU E 165 12.04 -7.87 33.04
C LEU E 165 12.26 -7.08 31.76
N LEU E 166 13.47 -6.57 31.55
CA LEU E 166 13.75 -5.72 30.40
C LEU E 166 13.99 -6.56 29.15
N HIS E 167 13.40 -6.12 28.05
CA HIS E 167 13.38 -6.85 26.79
C HIS E 167 14.33 -6.19 25.78
N SER E 168 14.53 -6.92 24.68
CA SER E 168 15.34 -6.42 23.57
C SER E 168 14.66 -5.27 22.84
N ASN E 169 13.31 -5.24 22.80
CA ASN E 169 12.65 -4.12 22.13
C ASN E 169 12.73 -2.83 22.92
N GLY E 170 13.01 -2.91 24.22
CA GLY E 170 13.33 -1.75 25.02
C GLY E 170 12.34 -1.35 26.08
N ASN E 171 11.44 -2.24 26.48
CA ASN E 171 10.40 -1.98 27.47
C ASN E 171 10.73 -2.70 28.77
N THR E 172 9.88 -2.50 29.77
CA THR E 172 10.03 -3.19 31.07
C THR E 172 8.64 -3.40 31.63
N TYR E 173 8.16 -4.64 31.61
CA TYR E 173 6.75 -4.94 31.81
C TYR E 173 6.42 -5.25 33.27
N LEU E 174 6.60 -4.25 34.12
CA LEU E 174 6.22 -4.31 35.52
C LEU E 174 5.16 -3.26 35.84
N TYR E 175 4.22 -3.62 36.72
CA TYR E 175 3.03 -2.80 36.96
C TYR E 175 2.86 -2.54 38.46
N TRP E 176 2.07 -1.51 38.79
CA TRP E 176 1.75 -1.12 40.17
C TRP E 176 0.25 -0.85 40.29
N PHE E 177 -0.38 -1.41 41.32
CA PHE E 177 -1.79 -1.19 41.60
C PHE E 177 -1.98 -0.81 43.07
N LEU E 178 -3.08 -0.10 43.35
CA LEU E 178 -3.43 0.32 44.71
C LEU E 178 -4.86 -0.05 45.02
N GLN E 179 -5.10 -0.47 46.26
CA GLN E 179 -6.44 -0.89 46.71
C GLN E 179 -6.77 -0.25 48.05
N ARG E 180 -7.68 0.73 48.03
CA ARG E 180 -8.17 1.37 49.23
C ARG E 180 -9.10 0.47 50.05
N PRO E 181 -9.19 0.71 51.36
CA PRO E 181 -9.87 -0.25 52.25
C PRO E 181 -11.36 -0.35 51.92
N GLY E 182 -11.71 -1.28 51.04
CA GLY E 182 -13.11 -1.58 50.77
C GLY E 182 -13.49 -1.42 49.31
N GLN E 183 -12.51 -1.39 48.42
CA GLN E 183 -12.77 -1.12 47.01
C GLN E 183 -12.05 -2.08 46.08
N SER E 184 -12.05 -1.78 44.78
CA SER E 184 -11.40 -2.50 43.71
C SER E 184 -10.01 -1.92 43.45
N PRO E 185 -9.11 -2.70 42.85
CA PRO E 185 -7.79 -2.16 42.53
C PRO E 185 -7.85 -1.14 41.41
N GLN E 186 -6.85 -0.26 41.41
CA GLN E 186 -6.75 0.86 40.49
C GLN E 186 -5.36 0.90 39.88
N LEU E 187 -5.29 1.15 38.58
CA LEU E 187 -4.00 1.25 37.92
C LEU E 187 -3.33 2.57 38.25
N LEU E 188 -2.03 2.51 38.49
CA LEU E 188 -1.21 3.68 38.77
C LEU E 188 -0.09 3.87 37.76
N ILE E 189 0.73 2.84 37.56
CA ILE E 189 1.95 2.92 36.76
C ILE E 189 2.03 1.68 35.88
N TYR E 190 2.11 1.88 34.56
CA TYR E 190 2.18 0.77 33.62
C TYR E 190 3.49 0.79 32.86
N ARG E 191 3.96 -0.41 32.50
CA ARG E 191 5.26 -0.62 31.87
C ARG E 191 6.35 0.14 32.63
N MET E 192 6.25 0.09 33.95
CA MET E 192 7.30 0.41 34.93
C MET E 192 7.59 1.90 35.12
N SER E 193 7.10 2.77 34.24
CA SER E 193 7.34 4.18 34.48
C SER E 193 6.25 5.15 34.04
N ASN E 194 5.10 4.69 33.54
CA ASN E 194 4.14 5.57 32.89
C ASN E 194 2.89 5.71 33.74
N LEU E 195 2.42 6.95 33.87
CA LEU E 195 1.35 7.30 34.80
C LEU E 195 -0.01 7.32 34.11
N ALA E 196 -0.99 6.70 34.74
CA ALA E 196 -2.28 6.49 34.10
C ALA E 196 -3.17 7.73 34.23
N SER E 197 -4.22 7.77 33.42
CA SER E 197 -5.04 8.95 33.29
C SER E 197 -6.06 9.02 34.41
N GLY E 198 -6.21 10.21 35.00
CA GLY E 198 -7.06 10.38 36.15
C GLY E 198 -6.36 10.16 37.47
N VAL E 199 -5.03 10.07 37.48
CA VAL E 199 -4.24 9.83 38.68
C VAL E 199 -3.55 11.13 39.05
N PRO E 200 -3.63 11.55 40.32
CA PRO E 200 -2.91 12.76 40.73
C PRO E 200 -1.42 12.62 40.46
N ASP E 201 -0.79 13.71 40.03
CA ASP E 201 0.55 13.65 39.48
C ASP E 201 1.66 13.57 40.53
N ARG E 202 1.33 13.26 41.77
CA ARG E 202 2.32 13.19 42.85
C ARG E 202 2.94 11.82 42.98
N PHE E 203 2.61 10.88 42.10
CA PHE E 203 3.20 9.55 42.09
C PHE E 203 4.31 9.45 41.05
N SER E 204 5.18 8.46 41.23
CA SER E 204 6.27 8.19 40.31
C SER E 204 6.96 6.91 40.74
N GLY E 205 7.57 6.24 39.77
CA GLY E 205 8.28 5.01 40.07
C GLY E 205 9.34 4.65 39.05
N SER E 206 10.44 4.08 39.51
CA SER E 206 11.52 3.65 38.62
C SER E 206 12.30 2.54 39.31
N GLY E 207 13.39 2.13 38.67
CA GLY E 207 14.21 1.06 39.21
C GLY E 207 15.19 0.57 38.16
N SER E 208 16.02 -0.37 38.59
CA SER E 208 17.00 -1.00 37.73
C SER E 208 16.56 -2.45 37.58
N GLY E 209 16.82 -3.02 36.41
CA GLY E 209 16.36 -4.36 36.09
C GLY E 209 16.51 -5.21 37.34
N THR E 210 15.43 -5.95 37.67
CA THR E 210 15.42 -6.87 38.83
C THR E 210 15.29 -6.12 40.17
N ALA E 211 15.21 -4.78 40.15
CA ALA E 211 15.10 -4.07 41.42
C ALA E 211 14.35 -2.75 41.20
N PHE E 212 13.25 -2.57 41.92
CA PHE E 212 12.32 -1.50 41.59
C PHE E 212 11.77 -0.85 42.85
N THR E 213 11.42 0.43 42.72
CA THR E 213 10.91 1.23 43.83
C THR E 213 9.82 2.16 43.34
N LEU E 214 8.66 2.11 44.01
CA LEU E 214 7.60 3.08 43.79
C LEU E 214 7.68 4.17 44.86
N THR E 215 7.63 5.43 44.42
CA THR E 215 7.80 6.55 45.35
C THR E 215 6.63 7.52 45.27
N ILE E 216 6.23 8.04 46.43
CA ILE E 216 5.13 8.99 46.55
C ILE E 216 5.65 10.25 47.22
N SER E 217 5.10 11.40 46.85
CA SER E 217 5.47 12.68 47.43
C SER E 217 4.25 13.28 48.09
N ARG E 218 4.47 13.97 49.22
CA ARG E 218 3.43 14.71 49.95
C ARG E 218 2.25 13.81 50.30
N LEU E 219 2.53 12.82 51.12
CA LEU E 219 1.55 11.80 51.48
C LEU E 219 0.26 12.43 51.97
N GLU E 220 -0.85 12.05 51.34
CA GLU E 220 -2.16 12.62 51.59
C GLU E 220 -2.98 11.63 52.40
N ALA E 221 -4.21 12.02 52.71
CA ALA E 221 -5.19 11.03 53.20
C ALA E 221 -5.86 10.38 51.99
N GLU E 222 -6.60 9.29 52.29
CA GLU E 222 -7.22 8.44 51.28
C GLU E 222 -6.16 7.70 50.45
N ASP E 223 -4.91 7.70 50.89
CA ASP E 223 -3.83 6.94 50.29
C ASP E 223 -3.42 6.04 51.43
N VAL E 224 -4.34 5.21 51.91
CA VAL E 224 -4.08 4.06 52.77
C VAL E 224 -4.58 2.87 51.98
N GLY E 225 -3.86 1.75 52.10
CA GLY E 225 -4.23 0.52 51.42
C GLY E 225 -3.01 -0.35 51.26
N VAL E 226 -3.05 -1.22 50.25
CA VAL E 226 -1.97 -2.16 49.97
C VAL E 226 -1.52 -1.97 48.53
N TYR E 227 -0.22 -1.80 48.33
CA TYR E 227 0.38 -1.57 47.03
C TYR E 227 0.93 -2.88 46.48
N TYR E 228 0.66 -3.14 45.20
CA TYR E 228 0.97 -4.41 44.57
C TYR E 228 1.83 -4.20 43.34
N CYS E 229 2.65 -5.19 43.02
CA CYS E 229 3.46 -5.18 41.80
C CYS E 229 3.21 -6.46 41.01
N MET E 230 2.98 -6.29 39.72
CA MET E 230 2.72 -7.38 38.79
C MET E 230 3.65 -7.28 37.59
N GLN E 231 4.08 -8.43 37.07
CA GLN E 231 4.84 -8.52 35.84
C GLN E 231 3.95 -9.05 34.71
N HIS E 232 4.26 -8.66 33.49
CA HIS E 232 3.53 -9.07 32.29
C HIS E 232 4.47 -9.41 31.15
N LEU E 233 5.55 -10.15 31.43
CA LEU E 233 6.56 -10.44 30.40
C LEU E 233 6.26 -11.72 29.66
N GLU E 234 5.82 -12.75 30.37
CA GLU E 234 5.49 -14.03 29.79
C GLU E 234 4.41 -14.67 30.65
N TYR E 235 3.57 -15.44 30.02
CA TYR E 235 2.55 -16.08 30.82
C TYR E 235 3.18 -17.23 31.60
N PRO E 236 2.74 -17.49 32.83
CA PRO E 236 1.67 -16.84 33.59
C PRO E 236 2.02 -15.44 34.09
N LEU E 237 1.02 -14.68 34.55
CA LEU E 237 1.27 -13.41 35.19
C LEU E 237 1.32 -13.60 36.71
N THR E 238 2.30 -12.96 37.36
CA THR E 238 2.57 -13.23 38.76
C THR E 238 2.52 -11.95 39.59
N PHE E 239 2.11 -12.11 40.84
CA PHE E 239 1.87 -11.03 41.78
C PHE E 239 2.82 -11.14 42.97
N GLY E 240 2.88 -10.06 43.76
CA GLY E 240 3.59 -10.03 45.01
C GLY E 240 2.65 -10.03 46.21
N ALA E 241 3.25 -10.10 47.39
CA ALA E 241 2.51 -10.32 48.63
C ALA E 241 1.62 -9.14 48.99
N GLY E 242 2.11 -7.93 48.81
CA GLY E 242 1.45 -6.70 49.21
C GLY E 242 2.22 -5.97 50.29
N THR E 243 2.08 -4.64 50.30
CA THR E 243 2.79 -3.78 51.24
C THR E 243 1.82 -2.73 51.76
N LYS E 244 1.41 -2.85 53.02
CA LYS E 244 0.32 -2.06 53.58
C LYS E 244 0.84 -0.86 54.34
N LEU E 245 0.25 0.31 54.06
CA LEU E 245 0.53 1.53 54.81
C LEU E 245 -0.55 1.71 55.87
N GLU E 246 -0.14 2.11 57.07
CA GLU E 246 -1.01 2.08 58.24
C GLU E 246 -1.41 3.50 58.62
N LEU E 247 -2.71 3.78 58.57
CA LEU E 247 -3.27 5.03 59.09
C LEU E 247 -4.79 5.01 59.02
N10 J8C F . 10.66 -36.30 -28.41
C12 J8C F . 9.13 -35.00 -27.09
C13 J8C F . 7.71 -35.02 -26.39
C01 J8C F . 14.63 -38.17 -33.79
C02 J8C F . 14.47 -39.13 -32.57
C03 J8C F . 14.21 -38.43 -31.19
C04 J8C F . 15.30 -37.98 -30.41
C05 J8C F . 15.00 -37.35 -29.16
C06 J8C F . 13.65 -37.19 -28.70
C07 J8C F . 12.55 -37.65 -29.46
C08 J8C F . 12.87 -38.26 -30.71
C09 J8C F . 11.03 -37.46 -28.92
O11 J8C F . 9.34 -36.17 -27.96
C14 J8C F . 6.70 -35.89 -26.86
C15 J8C F . 5.42 -35.95 -26.27
C16 J8C F . 5.08 -35.12 -25.16
C17 J8C F . 6.10 -34.25 -24.72
C18 J8C F . 7.38 -34.20 -25.31
C19 J8C F . 3.69 -35.09 -24.42
C20 J8C F . 3.76 -35.28 -22.85
C21 J8C F . 3.84 -34.00 -22.01
C22 J8C F . 2.92 -32.90 -22.50
C23 J8C F . 3.16 -32.58 -23.97
C24 J8C F . 2.88 -33.82 -24.84
C25 J8C F . 4.45 -36.93 -26.88
C29 J8C F . 10.05 -38.64 -29.02
C30 J8C F . 16.80 -38.13 -30.88
N31 J8C F . 17.33 -39.52 -30.81
C32 J8C F . 17.76 -40.03 -32.20
C33 J8C F . 19.12 -40.46 -31.65
C34 J8C F . 18.82 -39.57 -30.42
C35 J8C F . 20.34 -39.97 -32.50
O36 J8C F . 21.39 -40.68 -32.57
O37 J8C F . 20.28 -38.86 -33.13
F26 J8C F . 3.27 -37.33 -26.24
F27 J8C F . 4.93 -38.21 -27.16
F28 J8C F . 3.93 -36.60 -28.13
#